data_4JFQ
#
_entry.id   4JFQ
#
_cell.length_a   84.096
_cell.length_b   58.359
_cell.length_c   89.432
_cell.angle_alpha   90.000
_cell.angle_beta   109.820
_cell.angle_gamma   90.000
#
_symmetry.space_group_name_H-M   'P 1 21 1'
#
loop_
_entity.id
_entity.type
_entity.pdbx_description
1 polymer 'HLA class I histocompatibility antigen, A-2 alpha chain'
2 polymer Beta-2-microglobulin
3 polymer 'L8A heteroclitic Melanoma peptide'
4 non-polymer GLYCEROL
5 non-polymer '2-(N-MORPHOLINO)-ETHANESULFONIC ACID'
6 water water
#
loop_
_entity_poly.entity_id
_entity_poly.type
_entity_poly.pdbx_seq_one_letter_code
_entity_poly.pdbx_strand_id
1 'polypeptide(L)'
;GSHSMRYFFTSVSRPGRGEPRFIAVGYVDDTQFVRFDSDAASQRMEPRAPWIEQEGPEYWDGETRKVKAHSQTHRVDLGT
LRGYYNQSEAGSHTVQRMYGCDVGSDWRFLRGYHQYAYDGKDYIALKEDLRSWTAADMAAQTTKHKWEAAHVAEQLRAYL
EGTCVEWLRRYLENGKETLQRTDAPKTHMTHHAVSDHEATLRCWALSFYPAEITLTWQRDGEDQTQDTELVETRPAGDGT
FQKWAAVVVPSGQEQRYTCHVQHEGLPKPLTLRWEP
;
A,D
2 'polypeptide(L)'
;MIQRTPKIQVYSRHPAENGKSNFLNCYVSGFHPSDIEVDLLKNGERIEKVEHSDLSFSKDWSFYLLYYTEFTPTEKDEYA
CRVNHVTLSQPKIVKWDRDM
;
B,E
3 'polypeptide(L)' ELAGIGIATV C,F
#
loop_
_chem_comp.id
_chem_comp.type
_chem_comp.name
_chem_comp.formula
GOL non-polymer GLYCEROL 'C3 H8 O3'
MES non-polymer '2-(N-MORPHOLINO)-ETHANESULFONIC ACID' 'C6 H13 N O4 S'
#
# COMPACT_ATOMS: atom_id res chain seq x y z
N GLY A 1 7.49 -8.84 -12.86
CA GLY A 1 6.85 -8.99 -11.53
C GLY A 1 5.36 -9.24 -11.68
N SER A 2 4.56 -8.26 -11.27
CA SER A 2 3.12 -8.39 -11.17
C SER A 2 2.45 -8.28 -12.54
N HIS A 3 1.26 -8.85 -12.69
CA HIS A 3 0.45 -8.68 -13.90
C HIS A 3 -1.01 -8.35 -13.60
N SER A 4 -1.72 -7.79 -14.56
CA SER A 4 -3.13 -7.54 -14.42
C SER A 4 -3.90 -7.83 -15.68
N MET A 5 -5.17 -8.14 -15.55
CA MET A 5 -6.09 -8.10 -16.65
C MET A 5 -7.22 -7.11 -16.30
N ARG A 6 -7.53 -6.23 -17.25
CA ARG A 6 -8.55 -5.24 -17.02
C ARG A 6 -9.39 -5.06 -18.29
N TYR A 7 -10.71 -5.03 -18.10
CA TYR A 7 -11.68 -4.70 -19.14
C TYR A 7 -12.26 -3.27 -18.89
N PHE A 8 -12.33 -2.47 -19.94
CA PHE A 8 -12.84 -1.09 -19.88
C PHE A 8 -14.03 -0.89 -20.82
N PHE A 9 -15.11 -0.32 -20.30
CA PHE A 9 -16.38 -0.18 -21.02
C PHE A 9 -16.86 1.27 -20.94
N THR A 10 -17.22 1.85 -22.08
CA THR A 10 -17.68 3.19 -22.14
C THR A 10 -18.97 3.22 -22.92
N SER A 11 -20.04 3.76 -22.33
CA SER A 11 -21.26 4.00 -23.09
C SER A 11 -21.68 5.44 -23.06
N VAL A 12 -21.99 6.00 -24.24
CA VAL A 12 -22.29 7.43 -24.32
C VAL A 12 -23.64 7.61 -25.00
N SER A 13 -24.58 8.27 -24.33
CA SER A 13 -25.88 8.47 -24.95
C SER A 13 -25.79 9.61 -25.89
N ARG A 14 -26.64 9.61 -26.89
CA ARG A 14 -26.49 10.52 -28.01
C ARG A 14 -27.88 10.83 -28.56
N PRO A 15 -28.71 11.49 -27.73
CA PRO A 15 -30.15 11.58 -27.92
C PRO A 15 -30.51 12.17 -29.26
N GLY A 16 -31.30 11.43 -30.04
CA GLY A 16 -31.67 11.84 -31.41
C GLY A 16 -30.67 11.40 -32.46
N ARG A 17 -29.50 10.90 -32.05
CA ARG A 17 -28.44 10.60 -33.01
C ARG A 17 -28.07 9.12 -32.96
N GLY A 18 -28.99 8.32 -32.40
CA GLY A 18 -28.88 6.85 -32.38
C GLY A 18 -28.93 6.27 -30.98
N GLU A 19 -28.79 4.94 -30.91
CA GLU A 19 -28.68 4.28 -29.64
C GLU A 19 -27.30 4.61 -29.08
N PRO A 20 -27.08 4.40 -27.76
CA PRO A 20 -25.81 4.85 -27.23
C PRO A 20 -24.61 4.21 -27.92
N ARG A 21 -23.46 4.90 -27.85
CA ARG A 21 -22.21 4.37 -28.39
C ARG A 21 -21.62 3.50 -27.29
N PHE A 22 -21.16 2.31 -27.65
CA PHE A 22 -20.55 1.44 -26.69
C PHE A 22 -19.17 0.91 -27.18
N ILE A 23 -18.10 1.18 -26.40
CA ILE A 23 -16.74 0.70 -26.69
C ILE A 23 -16.23 -0.08 -25.47
N ALA A 24 -15.70 -1.29 -25.73
CA ALA A 24 -15.11 -2.19 -24.73
C ALA A 24 -13.69 -2.49 -25.18
N VAL A 25 -12.77 -2.55 -24.24
CA VAL A 25 -11.39 -2.93 -24.51
C VAL A 25 -10.87 -3.76 -23.36
N GLY A 26 -10.01 -4.71 -23.69
CA GLY A 26 -9.39 -5.58 -22.69
C GLY A 26 -7.90 -5.37 -22.81
N TYR A 27 -7.24 -5.38 -21.65
CA TYR A 27 -5.81 -5.22 -21.56
C TYR A 27 -5.24 -6.30 -20.72
N VAL A 28 -4.04 -6.77 -21.05
CA VAL A 28 -3.16 -7.50 -20.10
C VAL A 28 -1.96 -6.58 -19.84
N ASP A 29 -1.81 -6.16 -18.58
CA ASP A 29 -0.87 -5.08 -18.21
C ASP A 29 -1.11 -3.87 -19.12
N ASP A 30 -0.10 -3.43 -19.87
CA ASP A 30 -0.28 -2.30 -20.76
C ASP A 30 -0.42 -2.74 -22.22
N THR A 31 -0.94 -3.94 -22.44
CA THR A 31 -1.05 -4.48 -23.81
C THR A 31 -2.50 -4.68 -24.09
N GLN A 32 -3.04 -3.93 -25.06
CA GLN A 32 -4.43 -4.21 -25.48
C GLN A 32 -4.51 -5.53 -26.21
N PHE A 33 -5.56 -6.30 -25.98
CA PHE A 33 -5.75 -7.52 -26.76
C PHE A 33 -7.12 -7.77 -27.43
N VAL A 34 -8.15 -7.05 -27.00
CA VAL A 34 -9.51 -7.15 -27.63
C VAL A 34 -10.21 -5.82 -27.69
N ARG A 35 -11.11 -5.66 -28.67
CA ARG A 35 -12.06 -4.55 -28.68
C ARG A 35 -13.43 -4.90 -29.25
N PHE A 36 -14.42 -4.10 -28.83
CA PHE A 36 -15.75 -4.06 -29.44
C PHE A 36 -16.17 -2.59 -29.60
N ASP A 37 -16.61 -2.21 -30.78
CA ASP A 37 -17.24 -0.92 -31.00
C ASP A 37 -18.63 -1.11 -31.64
N SER A 38 -19.65 -0.69 -30.92
CA SER A 38 -21.04 -0.72 -31.36
C SER A 38 -21.31 -0.06 -32.72
N ASP A 39 -20.38 0.75 -33.23
CA ASP A 39 -20.62 1.47 -34.49
C ASP A 39 -19.78 0.84 -35.62
N ALA A 40 -19.01 -0.20 -35.32
CA ALA A 40 -18.23 -0.83 -36.36
C ALA A 40 -19.13 -1.81 -37.10
N ALA A 41 -18.68 -2.25 -38.26
CA ALA A 41 -19.46 -3.08 -39.16
C ALA A 41 -19.61 -4.52 -38.63
N SER A 42 -18.57 -5.01 -37.96
CA SER A 42 -18.44 -6.43 -37.70
C SER A 42 -19.48 -6.90 -36.64
N GLN A 43 -19.72 -6.04 -35.67
CA GLN A 43 -20.49 -6.37 -34.49
C GLN A 43 -19.93 -7.63 -33.82
N ARG A 44 -18.59 -7.72 -33.77
CA ARG A 44 -17.93 -8.87 -33.20
C ARG A 44 -16.82 -8.40 -32.29
N MET A 45 -16.55 -9.12 -31.18
CA MET A 45 -15.33 -8.88 -30.45
C MET A 45 -14.19 -9.23 -31.38
N GLU A 46 -13.19 -8.36 -31.45
CA GLU A 46 -12.07 -8.53 -32.36
C GLU A 46 -10.76 -8.58 -31.62
N PRO A 47 -9.82 -9.34 -32.18
CA PRO A 47 -8.43 -9.35 -31.72
C PRO A 47 -7.67 -8.06 -31.91
N ARG A 48 -6.84 -7.71 -30.95
CA ARG A 48 -5.98 -6.54 -31.03
C ARG A 48 -4.53 -6.89 -30.62
N ALA A 49 -4.25 -8.18 -30.45
CA ALA A 49 -2.94 -8.70 -30.06
C ALA A 49 -2.68 -9.96 -30.89
N PRO A 50 -1.46 -10.17 -31.39
CA PRO A 50 -1.24 -11.40 -32.19
C PRO A 50 -1.53 -12.67 -31.43
N TRP A 51 -1.10 -12.72 -30.18
CA TRP A 51 -1.20 -13.94 -29.38
C TRP A 51 -2.66 -14.30 -28.98
N ILE A 52 -3.63 -13.40 -29.13
CA ILE A 52 -5.02 -13.74 -28.80
C ILE A 52 -5.69 -14.37 -30.01
N GLU A 53 -5.07 -14.19 -31.17
CA GLU A 53 -5.66 -14.64 -32.42
C GLU A 53 -5.75 -16.16 -32.51
N GLN A 54 -4.95 -16.84 -31.67
CA GLN A 54 -4.98 -18.29 -31.47
C GLN A 54 -6.32 -18.87 -31.01
N GLU A 55 -7.06 -18.10 -30.23
CA GLU A 55 -8.31 -18.57 -29.65
C GLU A 55 -9.24 -18.95 -30.75
N GLY A 56 -10.02 -19.99 -30.47
CA GLY A 56 -10.91 -20.54 -31.46
C GLY A 56 -12.29 -19.94 -31.47
N PRO A 57 -13.17 -20.50 -32.28
CA PRO A 57 -14.50 -19.90 -32.54
C PRO A 57 -15.40 -19.80 -31.27
N GLU A 58 -15.32 -20.81 -30.41
CA GLU A 58 -16.11 -20.85 -29.18
C GLU A 58 -15.78 -19.61 -28.39
N TYR A 59 -14.50 -19.32 -28.31
CA TYR A 59 -14.04 -18.08 -27.68
C TYR A 59 -14.68 -16.83 -28.24
N TRP A 60 -14.51 -16.60 -29.54
CA TRP A 60 -14.99 -15.34 -30.17
C TRP A 60 -16.48 -15.27 -30.12
N ASP A 61 -17.18 -16.35 -30.44
CA ASP A 61 -18.61 -16.34 -30.23
C ASP A 61 -19.01 -16.03 -28.80
N GLY A 62 -18.41 -16.70 -27.82
CA GLY A 62 -18.70 -16.41 -26.40
C GLY A 62 -18.44 -14.96 -26.00
N GLU A 63 -17.34 -14.41 -26.47
CA GLU A 63 -16.93 -13.07 -26.07
C GLU A 63 -17.79 -12.03 -26.79
N THR A 64 -18.24 -12.34 -28.00
CA THR A 64 -19.18 -11.42 -28.69
C THR A 64 -20.54 -11.39 -27.91
N ARG A 65 -21.00 -12.59 -27.54
N ARG A 65 -21.05 -12.55 -27.49
CA ARG A 65 -22.21 -12.78 -26.74
CA ARG A 65 -22.32 -12.55 -26.79
C ARG A 65 -22.18 -11.86 -25.53
C ARG A 65 -22.23 -11.80 -25.47
N LYS A 66 -21.19 -12.10 -24.67
CA LYS A 66 -21.09 -11.45 -23.38
C LYS A 66 -20.90 -9.96 -23.58
N VAL A 67 -20.09 -9.53 -24.55
CA VAL A 67 -19.85 -8.06 -24.74
C VAL A 67 -21.11 -7.31 -25.13
N LYS A 68 -21.91 -7.91 -25.98
CA LYS A 68 -23.23 -7.34 -26.33
C LYS A 68 -24.15 -7.35 -25.15
N ALA A 69 -23.93 -8.26 -24.21
CA ALA A 69 -24.86 -8.30 -23.07
C ALA A 69 -24.48 -7.18 -22.14
N HIS A 70 -23.16 -6.96 -21.98
CA HIS A 70 -22.65 -5.74 -21.29
C HIS A 70 -23.20 -4.47 -21.93
N SER A 71 -23.20 -4.40 -23.25
CA SER A 71 -23.67 -3.20 -23.94
C SER A 71 -25.16 -2.95 -23.70
N GLN A 72 -25.93 -4.01 -23.73
CA GLN A 72 -27.36 -3.77 -23.57
C GLN A 72 -27.66 -3.41 -22.09
N THR A 73 -26.89 -3.91 -21.13
CA THR A 73 -27.12 -3.48 -19.73
C THR A 73 -26.71 -2.01 -19.50
N HIS A 74 -25.63 -1.56 -20.11
CA HIS A 74 -25.28 -0.14 -20.03
C HIS A 74 -26.25 0.82 -20.70
N ARG A 75 -26.87 0.34 -21.79
CA ARG A 75 -27.92 1.07 -22.42
C ARG A 75 -29.09 1.26 -21.45
N VAL A 76 -29.47 0.21 -20.75
CA VAL A 76 -30.52 0.33 -19.72
C VAL A 76 -30.10 1.30 -18.64
N ASP A 77 -28.88 1.12 -18.10
CA ASP A 77 -28.29 2.00 -17.11
C ASP A 77 -28.43 3.48 -17.50
N LEU A 78 -28.11 3.86 -18.74
CA LEU A 78 -28.24 5.28 -19.12
C LEU A 78 -29.64 5.86 -18.83
N GLY A 79 -30.68 5.10 -19.18
CA GLY A 79 -32.07 5.45 -18.89
C GLY A 79 -32.32 5.50 -17.39
N THR A 80 -31.85 4.49 -16.69
CA THR A 80 -32.01 4.44 -15.23
C THR A 80 -31.41 5.64 -14.52
N LEU A 81 -30.17 5.97 -14.89
CA LEU A 81 -29.42 7.03 -14.26
C LEU A 81 -30.04 8.37 -14.52
N ARG A 82 -30.64 8.57 -15.74
CA ARG A 82 -31.41 9.75 -15.95
C ARG A 82 -32.49 9.88 -14.94
N GLY A 83 -33.13 8.76 -14.60
CA GLY A 83 -34.23 8.76 -13.64
C GLY A 83 -33.71 9.07 -12.27
N TYR A 84 -32.60 8.46 -11.94
CA TYR A 84 -32.09 8.65 -10.59
C TYR A 84 -31.67 10.10 -10.35
N TYR A 85 -31.12 10.80 -11.34
CA TYR A 85 -30.66 12.17 -11.19
C TYR A 85 -31.61 13.22 -11.76
N ASN A 86 -32.82 12.80 -12.13
N ASN A 86 -32.78 12.77 -12.17
CA ASN A 86 -33.82 13.69 -12.72
CA ASN A 86 -33.82 13.65 -12.68
C ASN A 86 -33.28 14.55 -13.83
C ASN A 86 -33.26 14.54 -13.80
N GLN A 87 -32.52 13.94 -14.74
CA GLN A 87 -31.93 14.68 -15.85
C GLN A 87 -32.81 14.67 -17.07
N SER A 88 -32.59 15.64 -17.95
CA SER A 88 -33.32 15.75 -19.21
C SER A 88 -32.95 14.67 -20.25
N GLU A 89 -33.87 14.39 -21.13
CA GLU A 89 -33.64 13.45 -22.22
C GLU A 89 -32.68 13.98 -23.30
N ALA A 90 -32.49 15.30 -23.34
CA ALA A 90 -31.77 15.93 -24.43
C ALA A 90 -30.24 15.89 -24.24
N GLY A 91 -29.75 15.78 -23.00
CA GLY A 91 -28.31 15.81 -22.77
C GLY A 91 -27.60 14.48 -23.04
N SER A 92 -26.33 14.55 -23.43
CA SER A 92 -25.49 13.34 -23.58
C SER A 92 -24.84 13.05 -22.27
N HIS A 93 -24.78 11.79 -21.89
CA HIS A 93 -24.24 11.33 -20.62
C HIS A 93 -23.28 10.15 -20.83
N THR A 94 -22.42 9.84 -19.86
CA THR A 94 -21.41 8.83 -20.03
C THR A 94 -21.45 7.88 -18.83
N VAL A 95 -21.43 6.58 -19.14
CA VAL A 95 -21.26 5.52 -18.15
C VAL A 95 -19.94 4.81 -18.40
N GLN A 96 -19.16 4.49 -17.33
CA GLN A 96 -17.90 3.78 -17.46
C GLN A 96 -17.83 2.69 -16.45
N ARG A 97 -17.32 1.54 -16.91
CA ARG A 97 -17.10 0.38 -16.07
C ARG A 97 -15.75 -0.22 -16.33
N MET A 98 -15.11 -0.67 -15.28
CA MET A 98 -13.80 -1.27 -15.40
C MET A 98 -13.81 -2.36 -14.36
N TYR A 99 -13.32 -3.52 -14.73
CA TYR A 99 -13.15 -4.61 -13.78
C TYR A 99 -11.98 -5.48 -14.22
N GLY A 100 -11.45 -6.23 -13.25
CA GLY A 100 -10.25 -6.97 -13.48
C GLY A 100 -9.58 -7.50 -12.24
N CYS A 101 -8.43 -8.12 -12.44
CA CYS A 101 -7.72 -8.71 -11.35
C CYS A 101 -6.21 -8.52 -11.52
N ASP A 102 -5.51 -8.44 -10.38
CA ASP A 102 -4.06 -8.38 -10.36
C ASP A 102 -3.52 -9.67 -9.74
N VAL A 103 -2.42 -10.17 -10.30
CA VAL A 103 -1.61 -11.23 -9.69
C VAL A 103 -0.18 -10.84 -9.50
N GLY A 104 0.46 -11.46 -8.51
CA GLY A 104 1.79 -11.10 -8.09
C GLY A 104 2.76 -11.73 -9.06
N SER A 105 4.03 -11.65 -8.74
CA SER A 105 5.10 -12.27 -9.50
C SER A 105 5.09 -13.82 -9.52
N ASP A 106 4.34 -14.44 -8.60
CA ASP A 106 4.08 -15.90 -8.58
C ASP A 106 2.75 -16.28 -9.28
N TRP A 107 2.15 -15.29 -9.93
CA TRP A 107 0.85 -15.42 -10.61
C TRP A 107 -0.30 -15.83 -9.69
N ARG A 108 -0.10 -15.67 -8.38
CA ARG A 108 -1.16 -15.81 -7.39
C ARG A 108 -1.98 -14.55 -7.33
N PHE A 109 -3.27 -14.69 -7.12
CA PHE A 109 -4.22 -13.58 -6.88
C PHE A 109 -3.78 -12.53 -5.80
N LEU A 110 -3.67 -11.24 -6.16
CA LEU A 110 -3.47 -10.17 -5.16
C LEU A 110 -4.79 -9.56 -4.74
N ARG A 111 -5.57 -9.13 -5.75
CA ARG A 111 -6.86 -8.45 -5.56
C ARG A 111 -7.68 -8.34 -6.85
N GLY A 112 -8.96 -8.08 -6.68
CA GLY A 112 -9.85 -7.79 -7.79
C GLY A 112 -10.53 -6.46 -7.65
N TYR A 113 -11.04 -5.97 -8.77
CA TYR A 113 -11.64 -4.64 -8.81
C TYR A 113 -12.87 -4.67 -9.67
N HIS A 114 -13.88 -3.87 -9.32
CA HIS A 114 -15.03 -3.63 -10.20
C HIS A 114 -15.66 -2.28 -9.77
N GLN A 115 -15.51 -1.27 -10.63
CA GLN A 115 -15.80 0.10 -10.35
C GLN A 115 -16.61 0.65 -11.53
N TYR A 116 -17.44 1.63 -11.21
CA TYR A 116 -18.36 2.20 -12.14
C TYR A 116 -18.46 3.71 -11.90
N ALA A 117 -18.53 4.43 -13.00
CA ALA A 117 -18.57 5.88 -13.00
C ALA A 117 -19.72 6.34 -13.86
N TYR A 118 -20.32 7.44 -13.40
CA TYR A 118 -21.31 8.14 -14.17
C TYR A 118 -20.84 9.56 -14.36
N ASP A 119 -20.84 9.97 -15.61
CA ASP A 119 -20.37 11.30 -15.98
C ASP A 119 -19.05 11.66 -15.33
N GLY A 120 -18.11 10.72 -15.45
CA GLY A 120 -16.74 11.04 -15.07
C GLY A 120 -16.48 11.07 -13.55
N LYS A 121 -17.45 10.66 -12.75
CA LYS A 121 -17.26 10.57 -11.28
C LYS A 121 -17.55 9.19 -10.74
N ASP A 122 -16.84 8.77 -9.69
CA ASP A 122 -17.13 7.51 -9.07
C ASP A 122 -18.61 7.43 -8.76
N TYR A 123 -19.17 6.24 -8.96
CA TYR A 123 -20.60 5.99 -8.74
C TYR A 123 -20.74 4.88 -7.66
N ILE A 124 -20.35 3.65 -8.02
CA ILE A 124 -20.29 2.54 -7.07
C ILE A 124 -19.03 1.65 -7.36
N ALA A 125 -18.52 0.99 -6.34
CA ALA A 125 -17.28 0.24 -6.47
C ALA A 125 -17.26 -0.87 -5.46
N LEU A 126 -16.80 -2.03 -5.90
CA LEU A 126 -16.70 -3.15 -5.04
C LEU A 126 -15.53 -2.94 -4.16
N LYS A 127 -15.70 -3.22 -2.87
CA LYS A 127 -14.63 -3.00 -1.91
C LYS A 127 -13.57 -4.08 -2.09
N GLU A 128 -12.40 -3.91 -1.46
CA GLU A 128 -11.33 -4.88 -1.60
C GLU A 128 -11.70 -6.29 -1.11
N ASP A 129 -12.56 -6.37 -0.09
CA ASP A 129 -13.07 -7.66 0.39
C ASP A 129 -13.91 -8.46 -0.64
N LEU A 130 -14.34 -7.79 -1.73
CA LEU A 130 -15.13 -8.41 -2.78
C LEU A 130 -16.55 -8.87 -2.31
N ARG A 131 -17.01 -8.27 -1.20
CA ARG A 131 -18.29 -8.65 -0.58
C ARG A 131 -19.16 -7.45 -0.22
N SER A 132 -18.63 -6.23 -0.40
CA SER A 132 -19.36 -5.02 -0.01
C SER A 132 -19.09 -3.90 -0.99
N TRP A 133 -19.95 -2.90 -0.97
CA TRP A 133 -19.91 -1.84 -1.95
C TRP A 133 -19.59 -0.47 -1.33
N THR A 134 -18.87 0.36 -2.08
CA THR A 134 -18.70 1.78 -1.74
C THR A 134 -19.53 2.66 -2.69
N ALA A 135 -20.63 3.20 -2.18
CA ALA A 135 -21.52 4.05 -2.98
C ALA A 135 -21.27 5.53 -2.67
N ALA A 136 -20.98 6.26 -3.72
CA ALA A 136 -20.38 7.56 -3.60
C ALA A 136 -21.42 8.70 -3.56
N ASP A 137 -22.73 8.39 -3.65
CA ASP A 137 -23.82 9.37 -3.48
C ASP A 137 -25.16 8.69 -3.24
N MET A 138 -26.25 9.45 -3.04
CA MET A 138 -27.53 8.85 -2.73
C MET A 138 -28.12 7.91 -3.82
N ALA A 139 -28.01 8.28 -5.11
CA ALA A 139 -28.50 7.40 -6.18
C ALA A 139 -27.81 6.05 -6.18
N ALA A 140 -26.52 6.12 -5.98
CA ALA A 140 -25.68 4.97 -5.95
C ALA A 140 -26.04 4.08 -4.79
N GLN A 141 -26.64 4.66 -3.76
CA GLN A 141 -27.15 3.87 -2.64
C GLN A 141 -28.33 2.98 -3.09
N THR A 142 -29.17 3.49 -3.97
CA THR A 142 -30.26 2.74 -4.55
C THR A 142 -29.71 1.49 -5.30
N THR A 143 -28.69 1.73 -6.09
CA THR A 143 -27.98 0.67 -6.80
C THR A 143 -27.39 -0.35 -5.79
N LYS A 144 -26.76 0.16 -4.75
CA LYS A 144 -26.20 -0.73 -3.72
C LYS A 144 -27.28 -1.62 -3.18
N HIS A 145 -28.43 -1.03 -2.88
CA HIS A 145 -29.54 -1.82 -2.32
C HIS A 145 -29.99 -2.94 -3.24
N LYS A 146 -30.17 -2.60 -4.52
CA LYS A 146 -30.61 -3.61 -5.51
C LYS A 146 -29.52 -4.66 -5.74
N TRP A 147 -28.24 -4.27 -5.71
CA TRP A 147 -27.17 -5.23 -5.93
C TRP A 147 -26.93 -6.14 -4.73
N GLU A 148 -27.26 -5.66 -3.53
CA GLU A 148 -27.14 -6.45 -2.32
C GLU A 148 -28.26 -7.51 -2.33
N ALA A 149 -29.50 -7.09 -2.57
CA ALA A 149 -30.65 -8.01 -2.65
C ALA A 149 -30.44 -9.07 -3.75
N ALA A 150 -29.77 -8.69 -4.86
CA ALA A 150 -29.47 -9.61 -6.00
C ALA A 150 -28.17 -10.39 -5.89
N HIS A 151 -27.38 -10.15 -4.83
CA HIS A 151 -26.17 -10.98 -4.55
C HIS A 151 -25.16 -10.84 -5.69
N VAL A 152 -25.04 -9.63 -6.20
CA VAL A 152 -24.11 -9.33 -7.28
C VAL A 152 -22.64 -9.43 -6.83
N ALA A 153 -22.32 -8.93 -5.62
CA ALA A 153 -20.91 -9.07 -5.14
C ALA A 153 -20.44 -10.53 -5.18
N GLU A 154 -21.29 -11.47 -4.77
CA GLU A 154 -20.88 -12.87 -4.76
C GLU A 154 -20.59 -13.41 -6.16
N GLN A 155 -21.35 -12.98 -7.16
CA GLN A 155 -21.15 -13.37 -8.55
C GLN A 155 -19.81 -12.80 -9.09
N LEU A 156 -19.54 -11.57 -8.75
CA LEU A 156 -18.30 -10.96 -9.22
C LEU A 156 -17.09 -11.54 -8.48
N ARG A 157 -17.18 -11.81 -7.18
CA ARG A 157 -16.07 -12.43 -6.47
C ARG A 157 -15.65 -13.76 -7.15
N ALA A 158 -16.62 -14.59 -7.42
CA ALA A 158 -16.37 -15.84 -8.14
C ALA A 158 -15.58 -15.61 -9.47
N TYR A 159 -16.03 -14.68 -10.30
CA TYR A 159 -15.28 -14.41 -11.52
C TYR A 159 -13.87 -13.83 -11.27
N LEU A 160 -13.80 -12.80 -10.45
CA LEU A 160 -12.54 -12.12 -10.13
C LEU A 160 -11.46 -12.93 -9.43
N GLU A 161 -11.88 -13.78 -8.50
CA GLU A 161 -10.98 -14.70 -7.77
C GLU A 161 -10.57 -15.96 -8.59
N GLY A 162 -11.32 -16.29 -9.64
CA GLY A 162 -11.20 -17.58 -10.38
C GLY A 162 -10.95 -17.39 -11.87
N THR A 163 -12.05 -17.25 -12.62
CA THR A 163 -12.03 -17.07 -14.06
C THR A 163 -11.01 -16.03 -14.48
N CYS A 164 -11.01 -14.88 -13.82
CA CYS A 164 -10.19 -13.76 -14.23
C CYS A 164 -8.74 -14.13 -14.19
N VAL A 165 -8.37 -14.79 -13.08
CA VAL A 165 -7.00 -15.16 -12.80
C VAL A 165 -6.60 -16.30 -13.69
N GLU A 166 -7.52 -17.24 -13.94
CA GLU A 166 -7.23 -18.37 -14.82
C GLU A 166 -6.93 -17.93 -16.25
N TRP A 167 -7.77 -17.05 -16.81
CA TRP A 167 -7.55 -16.57 -18.17
C TRP A 167 -6.34 -15.62 -18.31
N LEU A 168 -6.16 -14.76 -17.31
CA LEU A 168 -4.99 -13.94 -17.26
C LEU A 168 -3.74 -14.84 -17.30
N ARG A 169 -3.72 -15.93 -16.50
CA ARG A 169 -2.59 -16.90 -16.60
C ARG A 169 -2.47 -17.48 -18.01
N ARG A 170 -3.61 -17.88 -18.59
CA ARG A 170 -3.60 -18.44 -19.92
C ARG A 170 -2.98 -17.46 -20.92
N TYR A 171 -3.42 -16.20 -20.87
CA TYR A 171 -2.93 -15.19 -21.82
C TYR A 171 -1.43 -14.86 -21.68
N LEU A 172 -0.95 -14.81 -20.43
CA LEU A 172 0.45 -14.50 -20.11
C LEU A 172 1.35 -15.55 -20.69
N GLU A 173 0.91 -16.81 -20.60
CA GLU A 173 1.62 -17.93 -21.20
C GLU A 173 1.60 -17.88 -22.75
N ASN A 174 0.39 -17.70 -23.31
CA ASN A 174 0.24 -17.70 -24.76
C ASN A 174 0.98 -16.51 -25.40
N GLY A 175 0.93 -15.35 -24.76
CA GLY A 175 1.61 -14.19 -25.26
C GLY A 175 2.96 -13.96 -24.58
N LYS A 176 3.62 -15.00 -24.08
CA LYS A 176 4.71 -14.77 -23.15
C LYS A 176 5.84 -13.88 -23.66
N GLU A 177 6.19 -13.97 -24.95
CA GLU A 177 7.29 -13.15 -25.50
C GLU A 177 6.93 -11.65 -25.49
N THR A 178 5.69 -11.31 -25.78
CA THR A 178 5.11 -9.94 -25.71
C THR A 178 4.87 -9.49 -24.27
N LEU A 179 4.25 -10.35 -23.46
CA LEU A 179 3.76 -9.96 -22.16
C LEU A 179 4.75 -10.14 -21.03
N GLN A 180 5.56 -11.18 -21.06
CA GLN A 180 6.53 -11.40 -20.00
C GLN A 180 7.85 -10.87 -20.53
N ARG A 181 7.93 -9.55 -20.68
CA ARG A 181 9.15 -8.87 -21.13
C ARG A 181 9.34 -7.66 -20.28
N THR A 182 10.55 -7.15 -20.28
CA THR A 182 10.84 -5.91 -19.65
C THR A 182 11.75 -5.33 -20.69
N ASP A 183 11.51 -4.07 -21.02
CA ASP A 183 12.34 -3.31 -21.92
C ASP A 183 12.74 -2.13 -21.07
N ALA A 184 14.02 -2.07 -20.69
CA ALA A 184 14.51 -0.98 -19.82
C ALA A 184 14.53 0.30 -20.63
N PRO A 185 14.35 1.47 -20.00
CA PRO A 185 14.33 2.69 -20.76
C PRO A 185 15.69 3.07 -21.28
N LYS A 186 15.68 3.71 -22.44
CA LYS A 186 16.88 4.31 -23.03
C LYS A 186 16.86 5.77 -22.65
N THR A 187 17.85 6.23 -21.91
CA THR A 187 17.82 7.53 -21.26
C THR A 187 18.89 8.52 -21.68
N HIS A 188 18.51 9.80 -21.58
CA HIS A 188 19.39 10.93 -21.90
C HIS A 188 18.73 12.21 -21.50
N MET A 189 19.52 13.26 -21.47
CA MET A 189 19.01 14.56 -21.00
C MET A 189 19.30 15.54 -22.12
N THR A 190 18.37 16.45 -22.41
CA THR A 190 18.62 17.47 -23.43
C THR A 190 18.72 18.85 -22.72
N HIS A 191 19.41 19.74 -23.40
CA HIS A 191 19.72 21.04 -22.92
C HIS A 191 19.42 22.04 -24.02
N HIS A 192 18.54 23.01 -23.76
CA HIS A 192 18.33 24.09 -24.70
C HIS A 192 18.17 25.45 -24.00
N ALA A 193 18.85 26.47 -24.49
CA ALA A 193 18.69 27.81 -23.95
C ALA A 193 17.28 28.27 -24.30
N VAL A 194 16.62 28.92 -23.36
CA VAL A 194 15.36 29.63 -23.58
C VAL A 194 15.59 31.17 -23.71
N SER A 195 16.74 31.61 -23.22
CA SER A 195 17.23 32.98 -23.29
C SER A 195 18.73 33.05 -22.93
N ASP A 196 19.17 34.26 -22.55
CA ASP A 196 20.54 34.58 -22.16
C ASP A 196 20.97 33.92 -20.86
N HIS A 197 19.99 33.64 -20.03
CA HIS A 197 20.26 33.27 -18.68
C HIS A 197 19.43 32.13 -18.20
N GLU A 198 18.64 31.46 -19.07
CA GLU A 198 17.96 30.26 -18.63
C GLU A 198 18.07 29.12 -19.66
N ALA A 199 18.10 27.89 -19.15
CA ALA A 199 18.09 26.69 -20.01
C ALA A 199 17.01 25.77 -19.52
N THR A 200 16.38 25.07 -20.46
CA THR A 200 15.47 23.99 -20.19
C THR A 200 16.26 22.70 -20.16
N LEU A 201 16.08 21.90 -19.10
CA LEU A 201 16.75 20.62 -19.02
C LEU A 201 15.64 19.57 -19.12
N ARG A 202 15.74 18.65 -20.06
CA ARG A 202 14.63 17.65 -20.19
C ARG A 202 15.24 16.27 -20.13
N CYS A 203 14.69 15.46 -19.23
CA CYS A 203 15.16 14.09 -18.98
C CYS A 203 14.20 13.15 -19.70
N TRP A 204 14.76 12.32 -20.59
CA TRP A 204 14.00 11.48 -21.45
C TRP A 204 14.17 10.04 -21.05
N ALA A 205 13.06 9.31 -21.11
CA ALA A 205 13.12 7.86 -21.11
C ALA A 205 12.31 7.38 -22.32
N LEU A 206 12.91 6.44 -23.05
CA LEU A 206 12.39 6.01 -24.33
C LEU A 206 12.43 4.49 -24.44
N SER A 207 11.52 3.91 -25.25
CA SER A 207 11.52 2.50 -25.65
C SER A 207 11.35 1.54 -24.46
N PHE A 208 10.55 1.90 -23.50
CA PHE A 208 10.41 1.03 -22.31
C PHE A 208 9.07 0.31 -22.20
N TYR A 209 9.05 -0.74 -21.37
CA TYR A 209 7.89 -1.55 -21.16
C TYR A 209 8.16 -2.37 -19.90
N PRO A 210 7.19 -2.43 -19.00
CA PRO A 210 5.87 -1.79 -19.07
C PRO A 210 5.94 -0.31 -18.80
N ALA A 211 4.77 0.33 -18.75
CA ALA A 211 4.63 1.80 -18.76
C ALA A 211 5.01 2.45 -17.42
N GLU A 212 4.81 1.73 -16.32
CA GLU A 212 5.18 2.23 -15.00
C GLU A 212 6.61 2.74 -14.99
N ILE A 213 6.81 4.01 -14.68
CA ILE A 213 8.15 4.58 -14.58
C ILE A 213 8.13 5.81 -13.64
N THR A 214 9.25 6.10 -13.00
CA THR A 214 9.37 7.33 -12.24
C THR A 214 10.55 8.14 -12.78
N LEU A 215 10.29 9.39 -13.12
CA LEU A 215 11.30 10.32 -13.53
C LEU A 215 11.28 11.49 -12.56
N THR A 216 12.44 11.86 -11.99
N THR A 216 12.43 11.84 -11.95
CA THR A 216 12.48 12.93 -11.00
CA THR A 216 12.45 12.98 -11.04
C THR A 216 13.74 13.80 -11.17
C THR A 216 13.72 13.81 -11.20
N TRP A 217 13.61 15.11 -10.92
CA TRP A 217 14.79 15.99 -10.92
C TRP A 217 15.18 16.36 -9.49
N GLN A 218 16.50 16.37 -9.24
CA GLN A 218 17.05 16.83 -8.01
C GLN A 218 17.97 18.01 -8.25
N ARG A 219 17.96 18.94 -7.33
CA ARG A 219 18.94 20.03 -7.28
C ARG A 219 19.71 19.88 -5.98
N ASP A 220 21.00 19.63 -6.14
CA ASP A 220 21.90 19.35 -5.02
C ASP A 220 21.31 18.30 -4.08
N GLY A 221 20.70 17.26 -4.63
CA GLY A 221 20.09 16.21 -3.78
C GLY A 221 18.63 16.40 -3.38
N GLU A 222 18.08 17.58 -3.65
CA GLU A 222 16.71 17.90 -3.23
C GLU A 222 15.74 17.72 -4.36
N ASP A 223 14.65 17.02 -4.15
CA ASP A 223 13.63 16.88 -5.20
C ASP A 223 13.05 18.28 -5.59
N GLN A 224 12.76 18.43 -6.89
CA GLN A 224 12.33 19.71 -7.53
C GLN A 224 10.91 19.55 -8.09
N THR A 225 10.12 18.82 -7.33
CA THR A 225 8.92 18.26 -7.88
C THR A 225 7.94 19.41 -8.16
N GLN A 226 8.06 20.51 -7.42
CA GLN A 226 7.23 21.71 -7.67
C GLN A 226 7.55 22.46 -8.97
N ASP A 227 8.81 22.37 -9.41
CA ASP A 227 9.29 23.06 -10.60
C ASP A 227 9.53 22.12 -11.79
N THR A 228 9.01 20.90 -11.70
CA THR A 228 9.20 19.94 -12.72
C THR A 228 7.93 19.85 -13.53
N GLU A 229 8.11 19.95 -14.84
CA GLU A 229 7.05 19.59 -15.78
C GLU A 229 7.23 18.11 -16.19
N LEU A 230 6.22 17.32 -15.93
CA LEU A 230 6.19 15.90 -16.11
C LEU A 230 5.11 15.64 -17.06
N VAL A 231 5.43 15.11 -18.24
N VAL A 231 5.43 15.13 -18.24
CA VAL A 231 4.39 14.76 -19.22
CA VAL A 231 4.39 14.79 -19.20
C VAL A 231 3.81 13.37 -18.88
C VAL A 231 3.83 13.38 -18.91
N GLU A 232 2.60 13.12 -19.35
CA GLU A 232 1.94 11.82 -19.19
C GLU A 232 2.76 10.76 -19.99
N THR A 233 2.94 9.57 -19.43
CA THR A 233 3.50 8.45 -20.20
C THR A 233 2.66 8.21 -21.48
N ARG A 234 3.31 8.13 -22.62
CA ARG A 234 2.65 8.06 -23.89
C ARG A 234 3.12 6.83 -24.70
N PRO A 235 2.23 6.23 -25.51
CA PRO A 235 2.69 5.15 -26.35
C PRO A 235 3.53 5.57 -27.56
N ALA A 236 4.60 4.83 -27.87
CA ALA A 236 5.38 5.05 -29.13
C ALA A 236 4.63 4.50 -30.32
N GLY A 237 3.76 3.52 -30.07
CA GLY A 237 2.94 2.93 -31.10
C GLY A 237 3.39 1.51 -31.44
N ASP A 238 4.55 1.11 -30.88
CA ASP A 238 5.20 -0.18 -31.20
C ASP A 238 5.25 -1.13 -29.97
N GLY A 239 4.44 -0.86 -28.96
CA GLY A 239 4.51 -1.67 -27.77
C GLY A 239 5.35 -1.12 -26.64
N THR A 240 6.05 -0.03 -26.87
CA THR A 240 6.84 0.57 -25.85
C THR A 240 6.28 1.97 -25.53
N PHE A 241 6.87 2.56 -24.50
CA PHE A 241 6.41 3.83 -23.97
C PHE A 241 7.49 4.86 -23.89
N GLN A 242 7.05 6.11 -23.75
CA GLN A 242 7.95 7.25 -23.64
C GLN A 242 7.47 8.18 -22.54
N LYS A 243 8.42 8.91 -21.93
CA LYS A 243 8.11 9.91 -20.94
C LYS A 243 9.27 10.91 -20.84
N TRP A 244 8.94 12.14 -20.43
CA TRP A 244 10.02 13.11 -20.14
C TRP A 244 9.65 14.04 -18.98
N ALA A 245 10.67 14.66 -18.36
CA ALA A 245 10.44 15.61 -17.26
C ALA A 245 11.40 16.74 -17.49
N ALA A 246 10.98 17.98 -17.19
CA ALA A 246 11.80 19.15 -17.60
C ALA A 246 11.78 20.20 -16.51
N VAL A 247 12.88 20.91 -16.39
CA VAL A 247 12.97 22.05 -15.43
C VAL A 247 13.67 23.15 -16.18
N VAL A 248 13.42 24.40 -15.81
CA VAL A 248 14.16 25.47 -16.46
C VAL A 248 15.02 26.08 -15.39
N VAL A 249 16.29 26.18 -15.68
CA VAL A 249 17.25 26.44 -14.64
C VAL A 249 18.09 27.59 -15.04
N PRO A 250 18.68 28.26 -14.05
CA PRO A 250 19.63 29.31 -14.41
C PRO A 250 20.91 28.74 -15.06
N SER A 251 21.21 29.27 -16.24
CA SER A 251 22.53 29.05 -16.89
C SER A 251 23.75 29.11 -15.95
N GLY A 252 24.56 28.05 -15.98
CA GLY A 252 25.74 27.92 -15.06
C GLY A 252 25.47 27.00 -13.89
N GLN A 253 24.20 26.73 -13.64
CA GLN A 253 23.81 25.82 -12.58
C GLN A 253 23.55 24.38 -13.04
N GLU A 254 23.71 24.05 -14.33
CA GLU A 254 23.33 22.69 -14.83
C GLU A 254 23.91 21.55 -13.95
N GLN A 255 25.14 21.75 -13.48
CA GLN A 255 25.84 20.68 -12.74
C GLN A 255 25.23 20.39 -11.34
N ARG A 256 24.34 21.26 -10.86
CA ARG A 256 23.60 21.04 -9.60
C ARG A 256 22.44 20.04 -9.81
N TYR A 257 22.02 19.91 -11.04
CA TYR A 257 20.84 19.14 -11.39
C TYR A 257 21.15 17.72 -11.87
N THR A 258 20.39 16.76 -11.37
CA THR A 258 20.51 15.38 -11.81
C THR A 258 19.11 14.81 -12.04
N CYS A 259 18.97 13.94 -13.06
CA CYS A 259 17.72 13.25 -13.33
C CYS A 259 17.82 11.81 -12.86
N HIS A 260 16.72 11.33 -12.26
CA HIS A 260 16.70 9.99 -11.67
C HIS A 260 15.59 9.21 -12.29
N VAL A 261 15.96 8.01 -12.76
CA VAL A 261 15.03 7.13 -13.46
C VAL A 261 14.89 5.78 -12.77
N GLN A 262 13.64 5.41 -12.58
CA GLN A 262 13.25 4.19 -11.89
C GLN A 262 12.34 3.39 -12.84
N HIS A 263 12.69 2.14 -13.09
CA HIS A 263 11.87 1.26 -13.95
C HIS A 263 12.21 -0.17 -13.63
N GLU A 264 11.24 -1.08 -13.78
CA GLU A 264 11.44 -2.53 -13.49
C GLU A 264 12.60 -3.14 -14.27
N GLY A 265 12.78 -2.74 -15.52
CA GLY A 265 13.89 -3.27 -16.32
C GLY A 265 15.30 -2.73 -16.03
N LEU A 266 15.43 -1.73 -15.16
CA LEU A 266 16.74 -1.22 -14.73
C LEU A 266 17.30 -2.14 -13.63
N PRO A 267 18.52 -2.69 -13.83
CA PRO A 267 19.16 -3.45 -12.74
C PRO A 267 19.34 -2.61 -11.47
N LYS A 268 19.56 -1.31 -11.65
CA LYS A 268 19.53 -0.34 -10.57
C LYS A 268 18.99 0.99 -11.10
N PRO A 269 18.30 1.77 -10.25
CA PRO A 269 17.91 3.13 -10.57
C PRO A 269 19.06 3.96 -11.15
N LEU A 270 18.78 4.75 -12.17
CA LEU A 270 19.81 5.49 -12.90
C LEU A 270 19.80 6.95 -12.50
N THR A 271 21.02 7.51 -12.42
CA THR A 271 21.21 8.95 -12.19
C THR A 271 21.94 9.57 -13.38
N LEU A 272 21.30 10.47 -14.10
CA LEU A 272 22.01 11.14 -15.23
C LEU A 272 22.40 12.56 -14.76
N ARG A 273 23.60 12.96 -15.13
CA ARG A 273 24.27 14.16 -14.66
C ARG A 273 24.74 14.99 -15.84
N TRP A 274 24.92 16.29 -15.60
CA TRP A 274 25.53 17.20 -16.55
C TRP A 274 27.06 17.32 -16.38
N GLU A 275 27.68 16.39 -15.68
CA GLU A 275 29.14 16.35 -15.59
C GLU A 275 29.64 14.92 -15.44
N MET B 1 -21.71 19.31 -15.28
CA MET B 1 -20.97 18.08 -15.64
C MET B 1 -19.46 18.35 -15.53
N ILE B 2 -18.76 17.33 -15.04
CA ILE B 2 -17.32 17.28 -15.07
C ILE B 2 -16.86 17.45 -16.51
N GLN B 3 -15.82 18.26 -16.67
CA GLN B 3 -15.15 18.37 -17.87
C GLN B 3 -13.68 18.47 -17.56
N ARG B 4 -12.86 17.76 -18.35
CA ARG B 4 -11.42 17.72 -18.21
C ARG B 4 -10.75 17.90 -19.57
N THR B 5 -9.73 18.77 -19.57
CA THR B 5 -9.18 19.29 -20.77
C THR B 5 -8.13 18.30 -21.30
N PRO B 6 -8.11 18.09 -22.61
CA PRO B 6 -7.14 17.10 -23.11
C PRO B 6 -5.69 17.59 -23.00
N LYS B 7 -4.79 16.68 -22.67
CA LYS B 7 -3.32 17.01 -22.71
C LYS B 7 -2.72 16.48 -24.02
N ILE B 8 -2.08 17.35 -24.81
CA ILE B 8 -1.86 17.00 -26.22
C ILE B 8 -0.37 16.91 -26.37
N GLN B 9 0.09 15.81 -26.94
CA GLN B 9 1.52 15.53 -27.16
C GLN B 9 1.68 15.06 -28.61
N VAL B 10 2.46 15.76 -29.39
CA VAL B 10 2.79 15.33 -30.76
C VAL B 10 4.25 15.01 -30.85
N TYR B 11 4.58 13.86 -31.44
CA TYR B 11 5.94 13.33 -31.34
C TYR B 11 6.11 12.20 -32.36
N SER B 12 7.32 11.86 -32.67
CA SER B 12 7.60 10.73 -33.52
C SER B 12 7.86 9.43 -32.72
N ARG B 13 7.60 8.29 -33.35
CA ARG B 13 7.80 7.02 -32.70
C ARG B 13 9.28 6.73 -32.37
N HIS B 14 10.15 7.01 -33.34
CA HIS B 14 11.58 6.87 -33.24
C HIS B 14 12.21 8.26 -33.44
N PRO B 15 13.42 8.47 -32.91
CA PRO B 15 14.18 9.69 -33.22
C PRO B 15 14.25 10.02 -34.72
N ALA B 16 13.81 11.22 -35.02
CA ALA B 16 13.61 11.66 -36.38
C ALA B 16 14.92 11.82 -37.12
N GLU B 17 14.92 11.39 -38.40
CA GLU B 17 16.05 11.48 -39.33
C GLU B 17 15.48 11.82 -40.70
N ASN B 18 15.73 13.05 -41.19
CA ASN B 18 15.24 13.47 -42.52
C ASN B 18 15.42 12.37 -43.54
N GLY B 19 14.38 12.08 -44.33
CA GLY B 19 14.44 11.05 -45.39
C GLY B 19 14.21 9.59 -44.99
N LYS B 20 14.02 9.32 -43.68
CA LYS B 20 13.81 7.94 -43.18
C LYS B 20 12.42 7.73 -42.60
N SER B 21 11.72 6.72 -43.09
CA SER B 21 10.32 6.48 -42.69
C SER B 21 10.14 6.33 -41.18
N ASN B 22 9.01 6.78 -40.64
CA ASN B 22 8.82 6.89 -39.17
C ASN B 22 7.30 6.94 -38.94
N PHE B 23 6.87 7.18 -37.68
CA PHE B 23 5.49 7.35 -37.40
C PHE B 23 5.30 8.63 -36.62
N LEU B 24 4.27 9.37 -36.97
CA LEU B 24 3.94 10.62 -36.27
C LEU B 24 2.77 10.28 -35.43
N ASN B 25 2.91 10.58 -34.14
CA ASN B 25 1.87 10.35 -33.14
C ASN B 25 1.31 11.68 -32.57
N CYS B 26 0.02 11.66 -32.28
CA CYS B 26 -0.63 12.67 -31.43
C CYS B 26 -1.40 11.95 -30.34
N TYR B 27 -0.90 12.04 -29.11
CA TYR B 27 -1.49 11.44 -27.97
C TYR B 27 -2.27 12.51 -27.17
N VAL B 28 -3.52 12.19 -26.92
CA VAL B 28 -4.46 13.08 -26.19
C VAL B 28 -4.94 12.28 -24.99
N SER B 29 -4.62 12.73 -23.79
CA SER B 29 -5.05 12.04 -22.58
C SER B 29 -5.66 13.01 -21.57
N GLY B 30 -6.28 12.44 -20.54
CA GLY B 30 -6.78 13.23 -19.40
C GLY B 30 -8.05 14.01 -19.69
N PHE B 31 -8.79 13.59 -20.69
CA PHE B 31 -9.95 14.34 -21.12
C PHE B 31 -11.32 13.73 -20.72
N HIS B 32 -12.32 14.59 -20.60
CA HIS B 32 -13.70 14.17 -20.36
C HIS B 32 -14.63 15.34 -20.67
N PRO B 33 -15.78 15.08 -21.34
CA PRO B 33 -16.29 13.80 -21.82
C PRO B 33 -15.52 13.31 -23.08
N SER B 34 -15.96 12.17 -23.65
CA SER B 34 -15.16 11.50 -24.66
C SER B 34 -15.17 12.11 -26.07
N ASP B 35 -16.16 12.91 -26.41
CA ASP B 35 -16.33 13.42 -27.78
C ASP B 35 -15.14 14.36 -28.00
N ILE B 36 -14.32 14.06 -29.01
CA ILE B 36 -13.10 14.85 -29.31
C ILE B 36 -12.73 14.69 -30.78
N GLU B 37 -12.06 15.70 -31.29
CA GLU B 37 -11.70 15.79 -32.69
C GLU B 37 -10.20 16.00 -32.72
N VAL B 38 -9.49 15.07 -33.38
CA VAL B 38 -8.03 15.14 -33.52
C VAL B 38 -7.59 14.98 -34.95
N ASP B 39 -6.77 15.92 -35.43
CA ASP B 39 -6.26 15.82 -36.82
C ASP B 39 -4.76 16.00 -36.77
N LEU B 40 -4.05 15.22 -37.58
CA LEU B 40 -2.65 15.45 -37.86
C LEU B 40 -2.61 16.30 -39.15
N LEU B 41 -1.71 17.28 -39.16
CA LEU B 41 -1.54 18.24 -40.21
C LEU B 41 -0.11 18.17 -40.73
N LYS B 42 0.02 18.26 -42.04
CA LYS B 42 1.27 18.45 -42.72
C LYS B 42 1.16 19.80 -43.44
N ASN B 43 2.03 20.75 -43.05
CA ASN B 43 2.01 22.16 -43.50
C ASN B 43 0.62 22.73 -43.47
N GLY B 44 -0.04 22.49 -42.36
CA GLY B 44 -1.38 23.01 -42.08
C GLY B 44 -2.55 22.30 -42.77
N GLU B 45 -2.27 21.19 -43.49
CA GLU B 45 -3.32 20.47 -44.21
C GLU B 45 -3.56 19.17 -43.53
N ARG B 46 -4.82 18.80 -43.43
CA ARG B 46 -5.19 17.59 -42.75
C ARG B 46 -4.69 16.35 -43.53
N ILE B 47 -4.06 15.43 -42.78
CA ILE B 47 -3.62 14.13 -43.33
C ILE B 47 -4.77 13.11 -43.21
N GLU B 48 -5.31 12.63 -44.33
CA GLU B 48 -6.32 11.54 -44.26
C GLU B 48 -5.64 10.18 -44.06
N LYS B 49 -6.35 9.15 -43.63
CA LYS B 49 -5.65 7.91 -43.23
C LYS B 49 -4.61 8.26 -42.16
N VAL B 50 -5.17 8.80 -41.10
CA VAL B 50 -4.58 8.76 -39.82
C VAL B 50 -5.36 7.67 -39.14
N GLU B 51 -4.71 6.89 -38.29
CA GLU B 51 -5.46 5.82 -37.60
C GLU B 51 -5.50 6.18 -36.16
N HIS B 52 -6.44 5.57 -35.41
CA HIS B 52 -6.49 5.87 -33.99
C HIS B 52 -6.78 4.63 -33.20
N SER B 53 -6.34 4.67 -31.95
CA SER B 53 -6.57 3.61 -30.95
C SER B 53 -8.02 3.57 -30.54
N ASP B 54 -8.40 2.50 -29.83
CA ASP B 54 -9.73 2.37 -29.29
C ASP B 54 -9.82 3.13 -27.93
N LEU B 55 -10.94 3.85 -27.79
CA LEU B 55 -11.22 4.61 -26.59
C LEU B 55 -11.03 3.72 -25.34
N SER B 56 -10.11 4.18 -24.50
CA SER B 56 -9.89 3.60 -23.20
C SER B 56 -9.80 4.77 -22.16
N PHE B 57 -9.62 4.41 -20.89
CA PHE B 57 -9.55 5.42 -19.88
C PHE B 57 -8.65 5.04 -18.70
N SER B 58 -8.23 6.07 -17.96
N SER B 58 -8.22 6.05 -17.96
CA SER B 58 -7.30 5.93 -16.84
CA SER B 58 -7.27 5.85 -16.86
C SER B 58 -8.04 5.61 -15.54
C SER B 58 -8.02 5.63 -15.55
N LYS B 59 -7.27 5.32 -14.50
CA LYS B 59 -7.84 5.09 -13.15
C LYS B 59 -8.76 6.24 -12.69
N ASP B 60 -8.49 7.48 -13.14
CA ASP B 60 -9.31 8.65 -12.77
C ASP B 60 -10.51 8.87 -13.70
N TRP B 61 -10.71 7.91 -14.61
CA TRP B 61 -11.85 7.91 -15.54
C TRP B 61 -11.62 8.81 -16.75
N SER B 62 -10.55 9.57 -16.77
CA SER B 62 -10.29 10.36 -17.94
C SER B 62 -9.81 9.47 -19.09
N PHE B 63 -10.16 9.89 -20.32
CA PHE B 63 -10.00 9.14 -21.53
C PHE B 63 -8.68 9.46 -22.20
N TYR B 64 -8.24 8.59 -23.09
CA TYR B 64 -7.02 8.79 -23.88
C TYR B 64 -7.14 8.11 -25.20
N LEU B 65 -6.44 8.64 -26.20
CA LEU B 65 -6.48 8.15 -27.59
C LEU B 65 -5.16 8.52 -28.25
N LEU B 66 -4.68 7.63 -29.08
CA LEU B 66 -3.49 7.82 -29.87
C LEU B 66 -3.94 7.91 -31.32
N TYR B 67 -3.61 9.00 -31.95
CA TYR B 67 -3.69 9.16 -33.41
C TYR B 67 -2.32 9.07 -34.02
N TYR B 68 -2.20 8.42 -35.18
CA TYR B 68 -0.90 8.10 -35.78
C TYR B 68 -0.92 7.87 -37.28
N THR B 69 0.21 8.21 -37.91
CA THR B 69 0.34 8.03 -39.34
C THR B 69 1.79 7.79 -39.64
N GLU B 70 2.09 7.03 -40.69
CA GLU B 70 3.49 6.80 -41.00
C GLU B 70 3.92 8.02 -41.77
N PHE B 71 5.15 8.46 -41.55
CA PHE B 71 5.65 9.63 -42.27
C PHE B 71 7.14 9.55 -42.37
N THR B 72 7.69 10.25 -43.36
CA THR B 72 9.13 10.45 -43.41
C THR B 72 9.42 11.94 -43.35
N PRO B 73 10.08 12.36 -42.28
CA PRO B 73 10.46 13.76 -42.07
C PRO B 73 11.39 14.31 -43.16
N THR B 74 11.33 15.62 -43.33
CA THR B 74 12.23 16.36 -44.18
C THR B 74 12.55 17.66 -43.44
N GLU B 75 13.46 18.46 -43.99
CA GLU B 75 13.92 19.69 -43.35
C GLU B 75 12.85 20.77 -43.34
N LYS B 76 12.05 20.85 -44.39
CA LYS B 76 11.06 21.92 -44.54
C LYS B 76 9.63 21.61 -44.08
N ASP B 77 9.21 20.35 -44.12
CA ASP B 77 7.82 19.97 -43.78
C ASP B 77 7.50 20.16 -42.27
N GLU B 78 6.40 20.87 -42.02
CA GLU B 78 5.99 21.22 -40.66
C GLU B 78 4.80 20.34 -40.34
N TYR B 79 4.87 19.62 -39.23
CA TYR B 79 3.82 18.74 -38.77
C TYR B 79 3.19 19.28 -37.50
N ALA B 80 1.89 19.04 -37.32
CA ALA B 80 1.20 19.49 -36.13
C ALA B 80 0.04 18.58 -35.84
N CYS B 81 -0.58 18.81 -34.67
CA CYS B 81 -1.79 18.13 -34.24
C CYS B 81 -2.81 19.18 -33.82
N ARG B 82 -4.05 19.05 -34.32
CA ARG B 82 -5.11 19.98 -34.03
C ARG B 82 -6.27 19.30 -33.32
N VAL B 83 -6.59 19.80 -32.15
CA VAL B 83 -7.55 19.17 -31.28
C VAL B 83 -8.67 20.14 -30.92
N ASN B 84 -9.92 19.66 -30.99
CA ASN B 84 -11.04 20.40 -30.48
C ASN B 84 -11.77 19.52 -29.47
N HIS B 85 -12.33 20.17 -28.45
CA HIS B 85 -12.98 19.54 -27.31
C HIS B 85 -13.79 20.61 -26.59
N VAL B 86 -14.87 20.17 -25.93
CA VAL B 86 -15.76 21.12 -25.29
C VAL B 86 -15.01 22.06 -24.31
N THR B 87 -13.92 21.59 -23.69
CA THR B 87 -13.12 22.46 -22.77
C THR B 87 -12.22 23.50 -23.42
N LEU B 88 -12.08 23.46 -24.74
CA LEU B 88 -11.26 24.42 -25.48
C LEU B 88 -12.13 25.45 -26.21
N SER B 89 -11.88 26.74 -26.00
CA SER B 89 -12.72 27.80 -26.61
C SER B 89 -12.47 27.96 -28.11
N GLN B 90 -11.40 27.33 -28.60
CA GLN B 90 -11.13 27.19 -30.01
C GLN B 90 -10.16 26.00 -30.17
N PRO B 91 -10.03 25.46 -31.40
CA PRO B 91 -9.09 24.39 -31.57
C PRO B 91 -7.66 24.77 -31.13
N LYS B 92 -6.98 23.82 -30.49
CA LYS B 92 -5.61 23.98 -30.03
C LYS B 92 -4.73 23.21 -31.01
N ILE B 93 -3.70 23.87 -31.52
CA ILE B 93 -2.79 23.27 -32.47
C ILE B 93 -1.42 23.16 -31.83
N VAL B 94 -0.88 21.94 -31.77
CA VAL B 94 0.44 21.72 -31.18
C VAL B 94 1.41 21.34 -32.28
N LYS B 95 2.51 22.08 -32.39
CA LYS B 95 3.46 21.83 -33.46
C LYS B 95 4.42 20.71 -33.03
N TRP B 96 4.80 19.87 -34.00
CA TRP B 96 5.82 18.87 -33.78
C TRP B 96 7.17 19.59 -33.66
N ASP B 97 7.84 19.41 -32.53
CA ASP B 97 9.16 19.99 -32.32
C ASP B 97 10.21 18.90 -32.14
N ARG B 98 11.05 18.72 -33.15
CA ARG B 98 11.86 17.52 -33.21
C ARG B 98 13.10 17.58 -32.29
N ASP B 99 13.42 18.78 -31.81
CA ASP B 99 14.61 18.97 -31.02
C ASP B 99 14.34 19.05 -29.49
N MET B 100 13.23 18.51 -29.03
CA MET B 100 12.98 18.51 -27.57
C MET B 100 13.85 17.49 -26.82
N GLU C 1 -10.97 -13.56 -20.34
CA GLU C 1 -12.41 -13.71 -20.68
C GLU C 1 -13.23 -12.67 -19.95
N LEU C 2 -14.28 -12.15 -20.60
CA LEU C 2 -15.23 -11.27 -19.95
C LEU C 2 -16.00 -11.97 -18.88
N ALA C 3 -16.55 -11.22 -17.95
CA ALA C 3 -17.42 -11.79 -16.92
C ALA C 3 -18.69 -12.28 -17.55
N GLY C 4 -19.19 -13.41 -17.08
CA GLY C 4 -20.46 -13.98 -17.54
C GLY C 4 -21.61 -13.84 -16.56
N ILE C 5 -21.25 -13.59 -15.29
CA ILE C 5 -22.13 -13.36 -14.17
C ILE C 5 -21.75 -12.04 -13.52
N GLY C 6 -22.69 -11.40 -12.82
CA GLY C 6 -22.35 -10.27 -11.93
C GLY C 6 -22.38 -8.87 -12.53
N ILE C 7 -22.60 -8.82 -13.83
CA ILE C 7 -22.76 -7.55 -14.55
C ILE C 7 -24.27 -7.26 -14.62
N ALA C 8 -24.68 -6.36 -13.75
CA ALA C 8 -26.06 -6.13 -13.46
C ALA C 8 -26.39 -4.71 -13.82
N THR C 9 -27.63 -4.46 -14.10
CA THR C 9 -28.04 -3.09 -14.28
C THR C 9 -28.04 -2.34 -12.93
N VAL C 10 -27.72 -1.06 -13.03
CA VAL C 10 -27.72 -0.13 -11.87
C VAL C 10 -29.12 0.26 -11.38
N GLY D 1 -6.94 -0.34 4.35
CA GLY D 1 -6.52 -1.49 3.51
C GLY D 1 -5.00 -1.58 3.37
N SER D 2 -4.24 -0.84 4.19
CA SER D 2 -2.77 -0.89 4.17
C SER D 2 -2.22 -2.02 5.07
N HIS D 3 -1.05 -2.54 4.74
CA HIS D 3 -0.44 -3.56 5.58
C HIS D 3 1.04 -3.29 5.71
N SER D 4 1.65 -3.91 6.70
CA SER D 4 3.07 -3.73 6.88
C SER D 4 3.78 -5.03 7.19
N MET D 5 5.06 -5.05 6.88
CA MET D 5 5.91 -6.08 7.37
C MET D 5 7.02 -5.40 8.14
N ARG D 6 7.33 -5.92 9.32
CA ARG D 6 8.39 -5.36 10.14
C ARG D 6 9.19 -6.41 10.86
N TYR D 7 10.50 -6.14 10.94
CA TYR D 7 11.42 -7.04 11.56
C TYR D 7 12.09 -6.26 12.71
N PHE D 8 12.26 -6.90 13.86
CA PHE D 8 12.77 -6.20 15.06
C PHE D 8 13.95 -7.03 15.59
N PHE D 9 15.07 -6.38 15.88
CA PHE D 9 16.29 -7.01 16.36
C PHE D 9 16.82 -6.33 17.62
N THR D 10 17.19 -7.14 18.59
CA THR D 10 17.73 -6.62 19.82
C THR D 10 18.93 -7.47 20.16
N SER D 11 20.05 -6.77 20.42
CA SER D 11 21.27 -7.35 20.93
C SER D 11 21.69 -6.66 22.21
N VAL D 12 22.08 -7.46 23.18
CA VAL D 12 22.37 -7.00 24.54
C VAL D 12 23.72 -7.56 24.98
N SER D 13 24.65 -6.67 25.31
CA SER D 13 25.97 -7.12 25.80
C SER D 13 25.86 -7.60 27.20
N ARG D 14 26.63 -8.62 27.52
CA ARG D 14 26.62 -9.22 28.80
C ARG D 14 28.08 -9.49 29.29
N PRO D 15 28.90 -8.44 29.33
CA PRO D 15 30.35 -8.59 29.44
C PRO D 15 30.77 -9.51 30.56
N GLY D 16 31.65 -10.46 30.25
CA GLY D 16 32.12 -11.46 31.21
C GLY D 16 31.32 -12.76 31.15
N ARG D 17 30.05 -12.69 30.73
CA ARG D 17 29.16 -13.85 30.63
C ARG D 17 28.93 -14.30 29.19
N GLY D 18 29.96 -14.14 28.37
CA GLY D 18 29.97 -14.68 27.00
C GLY D 18 29.46 -13.69 25.98
N GLU D 19 28.93 -14.19 24.86
CA GLU D 19 28.57 -13.32 23.76
C GLU D 19 27.20 -12.64 23.96
N PRO D 20 26.94 -11.52 23.24
CA PRO D 20 25.67 -10.80 23.44
C PRO D 20 24.46 -11.67 23.12
N ARG D 21 23.35 -11.45 23.85
CA ARG D 21 22.03 -12.00 23.56
C ARG D 21 21.55 -11.31 22.29
N PHE D 22 21.04 -12.08 21.34
CA PHE D 22 20.44 -11.53 20.12
C PHE D 22 19.06 -12.19 19.84
N ILE D 23 18.03 -11.36 19.67
CA ILE D 23 16.64 -11.86 19.50
C ILE D 23 16.09 -11.08 18.33
N ALA D 24 15.57 -11.82 17.36
CA ALA D 24 14.98 -11.27 16.16
C ALA D 24 13.54 -11.75 16.08
N VAL D 25 12.64 -10.85 15.74
CA VAL D 25 11.25 -11.22 15.52
C VAL D 25 10.71 -10.53 14.29
N GLY D 26 9.85 -11.25 13.58
CA GLY D 26 9.16 -10.76 12.36
C GLY D 26 7.66 -10.62 12.62
N TYR D 27 7.07 -9.52 12.10
CA TYR D 27 5.64 -9.28 12.11
C TYR D 27 5.08 -8.94 10.72
N VAL D 28 3.85 -9.40 10.46
CA VAL D 28 2.97 -8.80 9.46
C VAL D 28 1.80 -8.11 10.23
N ASP D 29 1.64 -6.78 10.04
CA ASP D 29 0.69 -5.98 10.86
C ASP D 29 0.96 -6.29 12.36
N ASP D 30 -0.04 -6.74 13.14
CA ASP D 30 0.20 -7.01 14.57
C ASP D 30 0.23 -8.50 14.83
N THR D 31 0.69 -9.28 13.84
CA THR D 31 0.72 -10.74 13.90
C THR D 31 2.16 -11.16 13.71
N GLN D 32 2.72 -11.84 14.73
CA GLN D 32 4.08 -12.32 14.66
C GLN D 32 4.15 -13.57 13.81
N PHE D 33 5.24 -13.74 13.07
CA PHE D 33 5.37 -14.95 12.31
C PHE D 33 6.67 -15.69 12.44
N VAL D 34 7.76 -15.01 12.82
CA VAL D 34 9.08 -15.71 13.01
C VAL D 34 9.81 -15.20 14.23
N ARG D 35 10.70 -16.01 14.77
CA ARG D 35 11.62 -15.58 15.81
C ARG D 35 12.93 -16.33 15.64
N PHE D 36 13.96 -15.72 16.22
CA PHE D 36 15.26 -16.35 16.43
C PHE D 36 15.79 -15.89 17.78
N ASP D 37 16.19 -16.83 18.63
CA ASP D 37 16.91 -16.44 19.84
C ASP D 37 18.27 -17.15 19.95
N SER D 38 19.35 -16.35 19.95
CA SER D 38 20.74 -16.82 20.05
C SER D 38 20.99 -17.74 21.25
N ASP D 39 20.20 -17.60 22.30
CA ASP D 39 20.44 -18.48 23.46
C ASP D 39 19.82 -19.84 23.29
N ALA D 40 18.85 -19.99 22.38
CA ALA D 40 18.09 -21.23 22.28
C ALA D 40 18.95 -22.38 21.80
N ALA D 41 18.41 -23.58 21.86
CA ALA D 41 19.11 -24.79 21.47
C ALA D 41 19.16 -24.91 19.95
N SER D 42 18.04 -24.62 19.28
CA SER D 42 17.86 -24.96 17.86
C SER D 42 18.74 -24.19 16.90
N GLN D 43 19.14 -22.98 17.28
CA GLN D 43 19.94 -22.11 16.43
C GLN D 43 19.33 -21.92 15.05
N ARG D 44 18.01 -21.80 15.00
CA ARG D 44 17.30 -21.74 13.75
C ARG D 44 16.25 -20.65 13.81
N MET D 45 16.01 -19.93 12.70
CA MET D 45 14.78 -19.18 12.59
C MET D 45 13.59 -20.16 12.68
N GLU D 46 12.56 -19.82 13.40
CA GLU D 46 11.51 -20.74 13.67
C GLU D 46 10.17 -20.07 13.38
N PRO D 47 9.17 -20.88 12.99
CA PRO D 47 7.79 -20.45 12.75
C PRO D 47 7.09 -19.98 14.01
N ARG D 48 6.31 -18.90 13.92
CA ARG D 48 5.48 -18.47 15.05
C ARG D 48 4.04 -18.12 14.59
N ALA D 49 3.72 -18.50 13.36
CA ALA D 49 2.35 -18.39 12.84
C ALA D 49 2.09 -19.61 12.02
N PRO D 50 0.85 -20.14 12.05
CA PRO D 50 0.51 -21.34 11.25
C PRO D 50 0.79 -21.20 9.73
N TRP D 51 0.48 -20.04 9.15
CA TRP D 51 0.57 -19.83 7.70
C TRP D 51 2.00 -19.63 7.15
N ILE D 52 3.00 -19.63 8.02
CA ILE D 52 4.41 -19.56 7.57
C ILE D 52 5.02 -20.93 7.66
N GLU D 53 4.39 -21.84 8.41
CA GLU D 53 4.94 -23.20 8.58
C GLU D 53 5.11 -23.94 7.24
N GLN D 54 4.25 -23.62 6.27
CA GLN D 54 4.33 -24.18 4.93
C GLN D 54 5.59 -23.83 4.10
N GLU D 55 6.34 -22.79 4.45
CA GLU D 55 7.52 -22.48 3.66
C GLU D 55 8.47 -23.68 3.68
N GLY D 56 9.25 -23.81 2.62
CA GLY D 56 10.05 -25.01 2.38
C GLY D 56 11.45 -24.87 2.93
N PRO D 57 12.29 -25.88 2.70
CA PRO D 57 13.57 -25.89 3.41
C PRO D 57 14.55 -24.75 3.02
N GLU D 58 14.45 -24.29 1.79
CA GLU D 58 15.26 -23.22 1.28
C GLU D 58 14.99 -21.95 2.06
N TYR D 59 13.71 -21.75 2.40
CA TYR D 59 13.29 -20.63 3.17
C TYR D 59 13.91 -20.64 4.52
N TRP D 60 13.69 -21.72 5.28
CA TRP D 60 14.18 -21.77 6.66
C TRP D 60 15.71 -21.72 6.72
N ASP D 61 16.37 -22.42 5.80
CA ASP D 61 17.83 -22.32 5.69
C ASP D 61 18.28 -20.90 5.40
N GLY D 62 17.76 -20.30 4.34
CA GLY D 62 18.14 -18.93 3.98
C GLY D 62 17.79 -17.89 5.06
N GLU D 63 16.75 -18.12 5.85
CA GLU D 63 16.38 -17.19 6.88
C GLU D 63 17.30 -17.44 8.09
N THR D 64 17.70 -18.68 8.35
CA THR D 64 18.67 -18.94 9.43
C THR D 64 20.04 -18.25 9.18
N ARG D 65 20.50 -18.36 7.95
CA ARG D 65 21.77 -17.75 7.57
C ARG D 65 21.76 -16.26 7.69
N LYS D 66 20.68 -15.62 7.17
CA LYS D 66 20.62 -14.18 7.17
C LYS D 66 20.50 -13.71 8.61
N VAL D 67 19.78 -14.45 9.45
CA VAL D 67 19.50 -13.96 10.80
C VAL D 67 20.75 -14.01 11.59
N LYS D 68 21.55 -15.04 11.33
CA LYS D 68 22.85 -15.18 12.01
C LYS D 68 23.82 -14.16 11.51
N ALA D 69 23.59 -13.62 10.30
CA ALA D 69 24.53 -12.62 9.71
C ALA D 69 24.20 -11.32 10.39
N HIS D 70 22.92 -11.10 10.59
CA HIS D 70 22.44 -9.96 11.38
C HIS D 70 23.02 -9.99 12.80
N SER D 71 22.96 -11.14 13.44
CA SER D 71 23.46 -11.36 14.81
C SER D 71 24.95 -10.99 14.94
N GLN D 72 25.76 -11.45 14.00
CA GLN D 72 27.15 -11.05 13.98
C GLN D 72 27.39 -9.58 13.75
N THR D 73 26.65 -8.97 12.84
CA THR D 73 26.79 -7.57 12.57
C THR D 73 26.56 -6.71 13.84
N HIS D 74 25.57 -7.10 14.65
CA HIS D 74 25.28 -6.43 15.94
C HIS D 74 26.31 -6.66 17.03
N ARG D 75 26.81 -7.88 17.09
CA ARG D 75 27.90 -8.20 17.97
C ARG D 75 29.09 -7.25 17.67
N VAL D 76 29.44 -7.07 16.39
CA VAL D 76 30.53 -6.15 16.06
C VAL D 76 30.11 -4.75 16.47
N ASP D 77 28.89 -4.37 16.15
CA ASP D 77 28.34 -3.07 16.53
C ASP D 77 28.50 -2.77 18.04
N LEU D 78 28.24 -3.73 18.92
CA LEU D 78 28.48 -3.48 20.36
C LEU D 78 29.92 -3.01 20.67
N GLY D 79 30.93 -3.72 20.15
CA GLY D 79 32.33 -3.28 20.18
C GLY D 79 32.53 -1.85 19.64
N THR D 80 31.99 -1.60 18.45
CA THR D 80 32.16 -0.32 17.79
C THR D 80 31.59 0.81 18.58
N LEU D 81 30.37 0.67 19.05
CA LEU D 81 29.71 1.73 19.83
C LEU D 81 30.42 2.00 21.15
N ARG D 82 31.00 0.99 21.81
CA ARG D 82 31.74 1.27 22.99
C ARG D 82 32.92 2.16 22.62
N GLY D 83 33.50 1.94 21.45
CA GLY D 83 34.63 2.74 20.98
C GLY D 83 34.15 4.14 20.66
N TYR D 84 33.03 4.28 19.96
CA TYR D 84 32.57 5.64 19.59
C TYR D 84 32.19 6.49 20.82
N TYR D 85 31.63 5.87 21.85
CA TYR D 85 31.23 6.60 23.04
C TYR D 85 32.23 6.53 24.22
N ASN D 86 33.43 5.99 23.99
N ASN D 86 33.40 5.95 24.00
CA ASN D 86 34.45 5.81 25.04
CA ASN D 86 34.44 5.79 25.03
C ASN D 86 33.89 5.16 26.30
C ASN D 86 33.89 5.15 26.29
N GLN D 87 33.15 4.06 26.13
CA GLN D 87 32.51 3.37 27.26
C GLN D 87 33.29 2.18 27.78
N SER D 88 33.24 1.96 29.08
CA SER D 88 33.84 0.76 29.72
C SER D 88 33.40 -0.61 29.17
N GLU D 89 34.28 -1.60 29.35
CA GLU D 89 33.98 -3.01 29.02
C GLU D 89 33.06 -3.58 30.09
N ALA D 90 32.84 -2.84 31.17
CA ALA D 90 32.03 -3.31 32.29
C ALA D 90 30.58 -3.54 31.88
N GLY D 91 29.89 -2.44 31.58
CA GLY D 91 28.43 -2.43 31.58
C GLY D 91 27.78 -3.09 30.41
N SER D 92 26.50 -3.42 30.56
CA SER D 92 25.72 -3.95 29.47
C SER D 92 25.15 -2.77 28.64
N HIS D 93 25.16 -2.93 27.33
CA HIS D 93 24.56 -2.00 26.41
C HIS D 93 23.60 -2.70 25.46
N THR D 94 22.72 -1.95 24.85
CA THR D 94 21.71 -2.52 23.98
C THR D 94 21.75 -1.84 22.62
N VAL D 95 21.66 -2.62 21.56
CA VAL D 95 21.51 -2.16 20.18
C VAL D 95 20.13 -2.67 19.66
N GLN D 96 19.35 -1.80 19.04
CA GLN D 96 18.10 -2.19 18.48
C GLN D 96 18.04 -1.76 17.05
N ARG D 97 17.41 -2.58 16.21
CA ARG D 97 17.17 -2.25 14.82
C ARG D 97 15.77 -2.68 14.37
N MET D 98 15.15 -1.85 13.57
CA MET D 98 13.84 -2.21 13.01
C MET D 98 13.83 -1.79 11.59
N TYR D 99 13.34 -2.64 10.70
CA TYR D 99 13.15 -2.24 9.31
C TYR D 99 11.97 -2.93 8.74
N GLY D 100 11.50 -2.45 7.58
CA GLY D 100 10.31 -2.98 6.99
C GLY D 100 9.61 -2.06 6.04
N CYS D 101 8.46 -2.50 5.57
CA CYS D 101 7.75 -1.80 4.50
C CYS D 101 6.25 -1.79 4.74
N ASP D 102 5.59 -0.77 4.19
CA ASP D 102 4.14 -0.63 4.17
C ASP D 102 3.69 -0.77 2.70
N VAL D 103 2.51 -1.35 2.48
CA VAL D 103 1.83 -1.27 1.18
C VAL D 103 0.48 -0.64 1.37
N GLY D 104 -0.04 -0.02 0.29
CA GLY D 104 -1.36 0.63 0.29
C GLY D 104 -2.46 -0.34 0.01
N SER D 105 -3.68 0.16 -0.25
CA SER D 105 -4.81 -0.70 -0.43
C SER D 105 -4.73 -1.34 -1.81
N ASP D 106 -3.88 -0.80 -2.68
CA ASP D 106 -3.60 -1.40 -3.99
C ASP D 106 -2.44 -2.40 -3.96
N TRP D 107 -2.03 -2.77 -2.74
CA TRP D 107 -0.88 -3.63 -2.44
C TRP D 107 0.45 -3.17 -3.07
N ARG D 108 0.52 -1.91 -3.50
CA ARG D 108 1.80 -1.31 -3.95
C ARG D 108 2.59 -0.73 -2.79
N PHE D 109 3.90 -0.64 -2.98
CA PHE D 109 4.76 0.04 -2.04
C PHE D 109 4.29 1.43 -1.71
N LEU D 110 4.13 1.65 -0.41
CA LEU D 110 3.69 2.89 0.19
C LEU D 110 4.84 3.61 0.90
N ARG D 111 5.63 2.87 1.68
CA ARG D 111 6.62 3.50 2.56
C ARG D 111 7.63 2.45 3.06
N GLY D 112 8.90 2.85 3.24
CA GLY D 112 9.88 1.98 3.88
C GLY D 112 10.58 2.66 5.06
N TYR D 113 11.17 1.83 5.92
CA TYR D 113 11.78 2.21 7.22
C TYR D 113 13.02 1.40 7.53
N HIS D 114 14.05 2.04 8.09
CA HIS D 114 15.19 1.36 8.67
C HIS D 114 15.84 2.23 9.74
N GLN D 115 15.62 1.87 11.00
CA GLN D 115 15.89 2.72 12.17
C GLN D 115 16.74 1.92 13.11
N TYR D 116 17.61 2.63 13.80
CA TYR D 116 18.56 2.02 14.72
C TYR D 116 18.69 2.85 16.00
N ALA D 117 18.84 2.11 17.10
CA ALA D 117 18.89 2.70 18.39
C ALA D 117 20.00 2.04 19.19
N TYR D 118 20.56 2.84 20.08
CA TYR D 118 21.60 2.37 20.99
C TYR D 118 21.27 2.83 22.37
N ASP D 119 21.13 1.89 23.27
CA ASP D 119 20.75 2.23 24.66
C ASP D 119 19.48 3.07 24.66
N GLY D 120 18.51 2.56 23.90
CA GLY D 120 17.16 3.13 23.99
C GLY D 120 16.91 4.46 23.35
N LYS D 121 17.96 5.06 22.75
CA LYS D 121 17.83 6.37 22.10
C LYS D 121 18.06 6.22 20.61
N ASP D 122 17.31 6.99 19.79
CA ASP D 122 17.56 7.10 18.38
C ASP D 122 19.04 7.25 18.06
N TYR D 123 19.55 6.47 17.12
CA TYR D 123 20.98 6.52 16.70
C TYR D 123 21.11 6.97 15.20
N ILE D 124 20.71 6.13 14.27
CA ILE D 124 20.61 6.53 12.87
C ILE D 124 19.34 6.01 12.22
N ALA D 125 18.76 6.77 11.32
CA ALA D 125 17.53 6.34 10.71
C ALA D 125 17.46 6.79 9.26
N LEU D 126 17.00 5.88 8.40
CA LEU D 126 16.81 6.14 6.98
C LEU D 126 15.58 7.04 6.80
N LYS D 127 15.74 8.15 6.11
CA LYS D 127 14.67 9.10 5.86
C LYS D 127 13.65 8.47 4.90
N GLU D 128 12.45 9.05 4.83
CA GLU D 128 11.38 8.51 4.00
C GLU D 128 11.77 8.42 2.50
N ASP D 129 12.68 9.29 2.04
CA ASP D 129 13.11 9.27 0.63
C ASP D 129 13.99 8.04 0.35
N LEU D 130 14.41 7.32 1.40
CA LEU D 130 15.18 6.10 1.23
C LEU D 130 16.59 6.31 0.62
N ARG D 131 17.11 7.54 0.67
CA ARG D 131 18.45 7.84 0.17
C ARG D 131 19.22 8.85 1.05
N SER D 132 18.65 9.26 2.19
CA SER D 132 19.40 10.05 3.19
C SER D 132 19.21 9.51 4.59
N TRP D 133 20.10 9.95 5.49
CA TRP D 133 20.13 9.49 6.88
C TRP D 133 19.87 10.64 7.87
N THR D 134 19.14 10.33 8.95
CA THR D 134 18.98 11.21 10.12
C THR D 134 19.89 10.64 11.21
N ALA D 135 20.87 11.41 11.63
CA ALA D 135 21.89 10.95 12.60
C ALA D 135 21.79 11.86 13.81
N ALA D 136 21.50 11.27 14.96
CA ALA D 136 21.00 11.97 16.13
C ALA D 136 22.06 12.51 17.09
N ASP D 137 23.34 12.19 16.84
CA ASP D 137 24.42 12.70 17.65
C ASP D 137 25.75 12.56 16.87
N MET D 138 26.88 12.98 17.46
CA MET D 138 28.13 13.01 16.70
C MET D 138 28.65 11.62 16.30
N ALA D 139 28.49 10.64 17.20
CA ALA D 139 28.82 9.24 16.87
C ALA D 139 28.07 8.69 15.66
N ALA D 140 26.77 8.92 15.59
CA ALA D 140 25.95 8.49 14.44
C ALA D 140 26.40 9.14 13.14
N GLN D 141 26.97 10.34 13.23
CA GLN D 141 27.52 11.01 12.11
C GLN D 141 28.70 10.25 11.50
N THR D 142 29.51 9.64 12.35
CA THR D 142 30.60 8.77 11.93
C THR D 142 30.00 7.62 11.12
N THR D 143 28.99 6.97 11.69
CA THR D 143 28.23 5.95 10.99
C THR D 143 27.70 6.42 9.61
N LYS D 144 27.11 7.60 9.60
CA LYS D 144 26.50 8.13 8.39
C LYS D 144 27.56 8.31 7.32
N HIS D 145 28.76 8.73 7.72
CA HIS D 145 29.82 8.97 6.77
C HIS D 145 30.18 7.64 6.08
N LYS D 146 30.32 6.62 6.91
CA LYS D 146 30.69 5.26 6.47
C LYS D 146 29.62 4.60 5.60
N TRP D 147 28.37 4.76 6.00
CA TRP D 147 27.27 4.21 5.23
C TRP D 147 27.03 5.01 3.93
N GLU D 148 27.33 6.29 3.88
CA GLU D 148 27.22 7.03 2.61
C GLU D 148 28.32 6.61 1.63
N ALA D 149 29.58 6.51 2.10
CA ALA D 149 30.65 6.03 1.23
C ALA D 149 30.42 4.63 0.70
N ALA D 150 29.75 3.79 1.52
CA ALA D 150 29.44 2.37 1.18
C ALA D 150 28.06 2.19 0.49
N HIS D 151 27.37 3.29 0.17
CA HIS D 151 26.10 3.26 -0.58
C HIS D 151 25.10 2.28 0.05
N VAL D 152 25.02 2.33 1.40
CA VAL D 152 24.13 1.44 2.10
C VAL D 152 22.65 1.76 1.84
N ALA D 153 22.31 3.05 1.82
CA ALA D 153 20.94 3.49 1.43
C ALA D 153 20.40 2.78 0.21
N GLU D 154 21.22 2.69 -0.83
CA GLU D 154 20.77 2.25 -2.11
C GLU D 154 20.40 0.75 -2.04
N GLN D 155 21.21 0.03 -1.28
CA GLN D 155 20.99 -1.38 -0.98
C GLN D 155 19.64 -1.58 -0.24
N LEU D 156 19.41 -0.71 0.73
CA LEU D 156 18.26 -0.86 1.60
C LEU D 156 17.01 -0.43 0.81
N ARG D 157 17.15 0.58 -0.04
CA ARG D 157 16.05 0.95 -0.93
C ARG D 157 15.69 -0.25 -1.85
N ALA D 158 16.70 -0.88 -2.40
CA ALA D 158 16.47 -2.04 -3.24
C ALA D 158 15.60 -3.13 -2.53
N TYR D 159 15.90 -3.44 -1.27
CA TYR D 159 15.19 -4.48 -0.51
C TYR D 159 13.79 -4.03 -0.10
N LEU D 160 13.68 -2.81 0.41
CA LEU D 160 12.44 -2.27 0.92
C LEU D 160 11.39 -2.08 -0.17
N GLU D 161 11.84 -1.64 -1.35
CA GLU D 161 10.95 -1.44 -2.50
C GLU D 161 10.64 -2.71 -3.27
N GLY D 162 11.51 -3.71 -3.14
CA GLY D 162 11.45 -4.95 -3.93
C GLY D 162 11.03 -6.15 -3.10
N THR D 163 12.01 -6.89 -2.63
CA THR D 163 11.84 -8.04 -1.73
C THR D 163 10.80 -7.87 -0.65
N CYS D 164 10.90 -6.79 0.11
CA CYS D 164 10.09 -6.64 1.31
C CYS D 164 8.60 -6.63 0.92
N VAL D 165 8.27 -5.88 -0.13
CA VAL D 165 6.95 -5.84 -0.67
C VAL D 165 6.52 -7.21 -1.28
N GLU D 166 7.41 -7.87 -1.99
CA GLU D 166 7.02 -9.13 -2.63
C GLU D 166 6.71 -10.26 -1.65
N TRP D 167 7.47 -10.31 -0.56
CA TRP D 167 7.25 -11.31 0.50
C TRP D 167 6.06 -10.92 1.34
N LEU D 168 5.94 -9.63 1.64
CA LEU D 168 4.74 -9.14 2.33
C LEU D 168 3.44 -9.56 1.59
N ARG D 169 3.33 -9.27 0.29
CA ARG D 169 2.18 -9.77 -0.55
C ARG D 169 1.97 -11.28 -0.47
N ARG D 170 3.05 -12.03 -0.45
CA ARG D 170 2.99 -13.47 -0.36
C ARG D 170 2.43 -13.88 0.98
N TYR D 171 2.96 -13.30 2.06
CA TYR D 171 2.47 -13.64 3.43
C TYR D 171 1.02 -13.24 3.61
N LEU D 172 0.62 -12.10 3.06
CA LEU D 172 -0.79 -11.69 3.08
C LEU D 172 -1.70 -12.72 2.40
N GLU D 173 -1.28 -13.26 1.25
CA GLU D 173 -2.05 -14.28 0.56
C GLU D 173 -2.14 -15.56 1.38
N ASN D 174 -0.98 -16.02 1.85
CA ASN D 174 -0.95 -17.33 2.53
C ASN D 174 -1.68 -17.36 3.88
N GLY D 175 -1.49 -16.33 4.70
CA GLY D 175 -2.25 -16.15 5.93
C GLY D 175 -3.50 -15.28 5.77
N LYS D 176 -4.16 -15.29 4.62
CA LYS D 176 -5.27 -14.32 4.41
C LYS D 176 -6.37 -14.33 5.47
N GLU D 177 -6.70 -15.50 6.02
CA GLU D 177 -7.79 -15.57 7.02
C GLU D 177 -7.42 -14.89 8.34
N THR D 178 -6.12 -14.87 8.67
CA THR D 178 -5.59 -14.32 9.92
C THR D 178 -5.27 -12.84 9.76
N LEU D 179 -4.64 -12.55 8.62
CA LEU D 179 -4.08 -11.23 8.34
C LEU D 179 -5.07 -10.30 7.63
N GLN D 180 -5.88 -10.83 6.71
CA GLN D 180 -6.83 -9.99 5.99
C GLN D 180 -8.15 -10.14 6.68
N ARG D 181 -8.19 -9.63 7.89
CA ARG D 181 -9.39 -9.72 8.74
C ARG D 181 -9.51 -8.51 9.61
N THR D 182 -10.72 -8.19 10.04
CA THR D 182 -10.86 -7.15 11.04
C THR D 182 -11.92 -7.68 12.01
N ASP D 183 -11.61 -7.59 13.29
CA ASP D 183 -12.46 -8.08 14.34
C ASP D 183 -12.81 -6.82 15.10
N ALA D 184 -14.04 -6.35 14.96
CA ALA D 184 -14.48 -5.13 15.70
C ALA D 184 -14.51 -5.39 17.18
N PRO D 185 -14.16 -4.38 18.01
CA PRO D 185 -14.25 -4.48 19.48
C PRO D 185 -15.64 -4.79 20.05
N LYS D 186 -15.64 -5.61 21.08
CA LYS D 186 -16.83 -5.84 21.87
C LYS D 186 -16.67 -4.88 23.05
N THR D 187 -17.62 -3.95 23.14
CA THR D 187 -17.55 -2.84 24.07
C THR D 187 -18.63 -2.79 25.18
N HIS D 188 -18.21 -2.22 26.30
CA HIS D 188 -19.06 -2.01 27.48
C HIS D 188 -18.36 -1.14 28.44
N MET D 189 -19.12 -0.63 29.41
CA MET D 189 -18.55 0.25 30.44
C MET D 189 -18.86 -0.41 31.79
N THR D 190 -18.00 -0.19 32.78
CA THR D 190 -18.23 -0.69 34.13
C THR D 190 -18.25 0.49 35.10
N HIS D 191 -18.98 0.28 36.17
CA HIS D 191 -19.21 1.29 37.17
C HIS D 191 -18.92 0.72 38.57
N HIS D 192 -17.97 1.32 39.31
CA HIS D 192 -17.74 0.89 40.71
C HIS D 192 -17.51 2.10 41.63
N ALA D 193 -18.12 2.06 42.81
CA ALA D 193 -18.00 3.15 43.75
C ALA D 193 -16.57 2.95 44.31
N VAL D 194 -15.80 4.04 44.35
CA VAL D 194 -14.54 4.06 45.13
C VAL D 194 -14.79 4.51 46.60
N SER D 195 -15.91 5.20 46.81
CA SER D 195 -16.38 5.66 48.12
C SER D 195 -17.84 6.08 48.01
N ASP D 196 -18.36 6.74 49.05
CA ASP D 196 -19.75 7.20 49.01
C ASP D 196 -20.00 8.37 48.07
N HIS D 197 -18.92 9.00 47.63
CA HIS D 197 -19.05 10.17 46.78
C HIS D 197 -18.38 10.08 45.42
N GLU D 198 -17.58 9.03 45.15
CA GLU D 198 -16.90 8.90 43.87
C GLU D 198 -17.09 7.50 43.25
N ALA D 199 -17.03 7.45 41.92
CA ALA D 199 -17.12 6.18 41.17
C ALA D 199 -16.07 6.11 40.07
N THR D 200 -15.52 4.92 39.85
CA THR D 200 -14.70 4.68 38.69
C THR D 200 -15.58 4.21 37.55
N LEU D 201 -15.50 4.91 36.41
CA LEU D 201 -16.13 4.51 35.17
C LEU D 201 -15.02 4.02 34.24
N ARG D 202 -15.12 2.76 33.83
CA ARG D 202 -14.13 2.17 32.91
C ARG D 202 -14.79 1.76 31.57
N CYS D 203 -14.22 2.25 30.47
CA CYS D 203 -14.68 1.90 29.11
C CYS D 203 -13.80 0.81 28.49
N TRP D 204 -14.39 -0.32 28.14
CA TRP D 204 -13.66 -1.45 27.66
C TRP D 204 -13.89 -1.71 26.19
N ALA D 205 -12.80 -2.08 25.54
CA ALA D 205 -12.86 -2.68 24.21
C ALA D 205 -12.15 -4.05 24.31
N LEU D 206 -12.83 -5.11 23.86
CA LEU D 206 -12.29 -6.47 23.87
C LEU D 206 -12.38 -7.19 22.49
N SER D 207 -11.46 -8.14 22.28
CA SER D 207 -11.45 -9.04 21.12
C SER D 207 -11.37 -8.33 19.78
N PHE D 208 -10.56 -7.31 19.69
CA PHE D 208 -10.45 -6.57 18.44
C PHE D 208 -9.11 -6.84 17.79
N TYR D 209 -9.10 -6.61 16.48
CA TYR D 209 -7.94 -6.80 15.61
C TYR D 209 -8.15 -5.95 14.39
N PRO D 210 -7.15 -5.20 13.96
CA PRO D 210 -5.81 -5.01 14.53
C PRO D 210 -5.80 -4.15 15.79
N ALA D 211 -4.61 -3.96 16.34
CA ALA D 211 -4.37 -3.31 17.62
C ALA D 211 -4.80 -1.83 17.66
N GLU D 212 -4.60 -1.12 16.57
CA GLU D 212 -4.91 0.32 16.57
C GLU D 212 -6.34 0.59 17.03
N ILE D 213 -6.48 1.40 18.09
CA ILE D 213 -7.83 1.78 18.59
C ILE D 213 -7.73 3.13 19.34
N THR D 214 -8.82 3.88 19.36
CA THR D 214 -8.88 5.03 20.20
C THR D 214 -10.09 4.88 21.15
N LEU D 215 -9.85 5.01 22.45
N LEU D 215 -9.83 5.02 22.44
CA LEU D 215 -10.90 5.19 23.44
CA LEU D 215 -10.85 5.17 23.47
C LEU D 215 -10.74 6.59 24.05
C LEU D 215 -10.73 6.59 24.05
N THR D 216 -11.86 7.28 24.25
CA THR D 216 -11.87 8.64 24.79
C THR D 216 -13.15 8.92 25.60
N TRP D 217 -12.96 9.61 26.71
CA TRP D 217 -14.07 10.01 27.52
C TRP D 217 -14.41 11.45 27.27
N GLN D 218 -15.72 11.71 27.15
CA GLN D 218 -16.29 13.04 27.22
C GLN D 218 -17.15 13.31 28.45
N ARG D 219 -17.08 14.52 28.96
CA ARG D 219 -17.99 14.99 29.99
C ARG D 219 -18.73 16.16 29.36
N ASP D 220 -20.05 16.03 29.24
CA ASP D 220 -20.86 16.95 28.42
C ASP D 220 -20.37 17.22 26.99
N GLY D 221 -19.61 16.31 26.40
CA GLY D 221 -19.01 16.60 25.11
C GLY D 221 -17.59 17.17 25.12
N GLU D 222 -17.04 17.47 26.29
CA GLU D 222 -15.63 17.92 26.36
C GLU D 222 -14.78 16.71 26.66
N ASP D 223 -13.79 16.44 25.82
CA ASP D 223 -13.07 15.24 26.11
C ASP D 223 -12.14 15.45 27.35
N GLN D 224 -11.82 14.37 28.05
CA GLN D 224 -11.34 14.40 29.42
C GLN D 224 -9.92 13.86 29.53
N THR D 225 -9.10 14.20 28.55
CA THR D 225 -7.99 13.31 28.30
C THR D 225 -6.95 13.48 29.44
N GLN D 226 -7.03 14.63 30.11
CA GLN D 226 -6.29 14.91 31.32
C GLN D 226 -6.53 14.02 32.56
N ASP D 227 -7.77 13.62 32.84
CA ASP D 227 -7.87 12.70 33.97
C ASP D 227 -8.46 11.36 33.57
N THR D 228 -8.09 10.96 32.37
CA THR D 228 -8.45 9.66 31.90
C THR D 228 -7.23 8.83 32.14
N GLU D 229 -7.44 7.63 32.69
CA GLU D 229 -6.39 6.67 32.78
C GLU D 229 -6.56 5.73 31.61
N LEU D 230 -5.57 5.68 30.73
CA LEU D 230 -5.60 4.87 29.54
C LEU D 230 -4.52 3.82 29.60
N VAL D 231 -4.85 2.51 29.54
CA VAL D 231 -3.76 1.53 29.61
C VAL D 231 -3.20 1.19 28.20
N GLU D 232 -1.98 0.69 28.13
CA GLU D 232 -1.41 0.29 26.83
C GLU D 232 -2.29 -0.86 26.28
N THR D 233 -2.62 -0.78 24.99
CA THR D 233 -3.28 -1.87 24.25
C THR D 233 -2.52 -3.18 24.47
N ARG D 234 -3.21 -4.22 24.92
CA ARG D 234 -2.56 -5.42 25.39
C ARG D 234 -3.07 -6.68 24.64
N PRO D 235 -2.21 -7.68 24.38
CA PRO D 235 -2.65 -8.93 23.81
C PRO D 235 -3.50 -9.81 24.71
N ALA D 236 -4.56 -10.40 24.14
CA ALA D 236 -5.41 -11.39 24.81
C ALA D 236 -4.72 -12.74 24.86
N GLY D 237 -3.90 -12.99 23.84
CA GLY D 237 -3.01 -14.13 23.69
C GLY D 237 -3.56 -15.05 22.60
N ASP D 238 -4.70 -14.67 22.04
CA ASP D 238 -5.43 -15.45 21.06
C ASP D 238 -5.41 -14.80 19.67
N GLY D 239 -4.64 -13.73 19.49
CA GLY D 239 -4.61 -13.02 18.22
C GLY D 239 -5.45 -11.75 18.19
N THR D 240 -6.18 -11.48 19.26
CA THR D 240 -6.86 -10.20 19.41
C THR D 240 -6.25 -9.36 20.56
N PHE D 241 -6.81 -8.16 20.72
CA PHE D 241 -6.30 -7.16 21.65
C PHE D 241 -7.43 -6.59 22.52
N GLN D 242 -6.99 -5.90 23.58
CA GLN D 242 -7.91 -5.38 24.58
C GLN D 242 -7.39 -4.00 24.99
N LYS D 243 -8.28 -3.10 25.43
CA LYS D 243 -7.91 -1.77 25.98
C LYS D 243 -9.03 -1.24 26.82
N TRP D 244 -8.66 -0.52 27.88
CA TRP D 244 -9.68 0.20 28.61
C TRP D 244 -9.26 1.61 28.95
N ALA D 245 -10.23 2.47 29.22
CA ALA D 245 -9.93 3.84 29.69
C ALA D 245 -10.88 4.08 30.85
N ALA D 246 -10.42 4.77 31.91
CA ALA D 246 -11.21 4.95 33.15
C ALA D 246 -11.15 6.38 33.58
N VAL D 247 -12.21 6.85 34.21
CA VAL D 247 -12.23 8.19 34.88
C VAL D 247 -12.91 7.97 36.22
N VAL D 248 -12.58 8.81 37.19
CA VAL D 248 -13.17 8.76 38.53
C VAL D 248 -14.02 9.97 38.62
N VAL D 249 -15.31 9.77 38.82
CA VAL D 249 -16.27 10.83 38.66
C VAL D 249 -17.14 10.91 39.89
N PRO D 250 -17.59 12.13 40.23
CA PRO D 250 -18.52 12.23 41.37
C PRO D 250 -19.86 11.50 41.10
N SER D 251 -20.30 10.77 42.12
CA SER D 251 -21.56 10.06 42.11
C SER D 251 -22.74 10.94 41.78
N GLY D 252 -23.48 10.57 40.72
CA GLY D 252 -24.68 11.33 40.28
C GLY D 252 -24.43 12.08 39.00
N GLN D 253 -23.15 12.33 38.69
CA GLN D 253 -22.74 12.87 37.38
C GLN D 253 -22.49 11.78 36.25
N GLU D 254 -22.76 10.51 36.48
CA GLU D 254 -22.49 9.44 35.49
C GLU D 254 -23.08 9.78 34.16
N GLN D 255 -24.29 10.36 34.16
CA GLN D 255 -25.00 10.61 32.95
C GLN D 255 -24.35 11.71 32.08
N ARG D 256 -23.40 12.46 32.66
CA ARG D 256 -22.68 13.47 31.89
C ARG D 256 -21.55 12.86 31.04
N TYR D 257 -21.16 11.66 31.39
CA TYR D 257 -19.95 11.02 30.86
C TYR D 257 -20.29 9.99 29.78
N THR D 258 -19.56 10.05 28.67
CA THR D 258 -19.74 9.14 27.55
C THR D 258 -18.36 8.65 27.10
N CYS D 259 -18.32 7.39 26.67
CA CYS D 259 -17.09 6.80 26.16
C CYS D 259 -17.22 6.60 24.66
N HIS D 260 -16.15 6.90 23.96
CA HIS D 260 -16.17 6.96 22.49
C HIS D 260 -15.12 6.06 21.93
N VAL D 261 -15.56 5.11 21.08
CA VAL D 261 -14.71 4.08 20.55
C VAL D 261 -14.64 4.11 19.02
N GLN D 262 -13.39 4.12 18.59
CA GLN D 262 -12.97 4.27 17.22
C GLN D 262 -12.06 3.05 16.86
N HIS D 263 -12.48 2.27 15.87
CA HIS D 263 -11.70 1.15 15.34
C HIS D 263 -12.11 0.87 13.89
N GLU D 264 -11.16 0.39 13.10
CA GLU D 264 -11.40 0.10 11.67
C GLU D 264 -12.58 -0.89 11.41
N GLY D 265 -12.67 -1.92 12.24
CA GLY D 265 -13.81 -2.84 12.22
C GLY D 265 -15.18 -2.26 12.49
N LEU D 266 -15.24 -1.06 13.07
CA LEU D 266 -16.50 -0.33 13.29
C LEU D 266 -16.93 0.57 12.10
N PRO D 267 -18.09 0.25 11.47
CA PRO D 267 -18.62 1.05 10.34
C PRO D 267 -18.81 2.53 10.70
N LYS D 268 -19.04 2.81 11.99
CA LYS D 268 -19.00 4.17 12.53
C LYS D 268 -18.50 4.10 13.97
N PRO D 269 -17.86 5.17 14.45
CA PRO D 269 -17.44 5.29 15.84
C PRO D 269 -18.58 5.15 16.83
N LEU D 270 -18.33 4.41 17.89
CA LEU D 270 -19.38 4.03 18.82
C LEU D 270 -19.31 4.91 20.06
N THR D 271 -20.49 5.30 20.57
CA THR D 271 -20.58 6.12 21.81
C THR D 271 -21.32 5.30 22.84
N LEU D 272 -20.72 5.10 24.00
CA LEU D 272 -21.41 4.38 25.10
C LEU D 272 -21.89 5.38 26.16
N ARG D 273 -23.02 5.09 26.75
CA ARG D 273 -23.72 6.02 27.60
C ARG D 273 -24.27 5.33 28.88
N TRP D 274 -24.48 6.12 29.93
CA TRP D 274 -25.00 5.63 31.22
C TRP D 274 -26.55 5.79 31.36
N GLU D 275 -27.21 6.11 30.26
CA GLU D 275 -28.68 6.21 30.19
C GLU D 275 -29.11 5.87 28.75
N PRO D 276 -30.39 6.09 28.36
CA PRO D 276 -30.76 6.14 26.91
C PRO D 276 -29.78 6.86 25.96
N MET E 1 22.29 6.62 31.31
CA MET E 1 21.57 5.67 30.46
C MET E 1 20.09 5.87 30.70
N ILE E 2 19.38 5.82 29.58
CA ILE E 2 17.97 5.79 29.61
C ILE E 2 17.46 4.59 30.38
N GLN E 3 16.43 4.85 31.16
CA GLN E 3 15.72 3.79 31.87
C GLN E 3 14.25 4.11 31.80
N ARG E 4 13.42 3.12 31.50
CA ARG E 4 11.97 3.32 31.50
C ARG E 4 11.27 2.18 32.28
N THR E 5 10.30 2.57 33.08
CA THR E 5 9.66 1.70 34.06
C THR E 5 8.63 0.82 33.38
N PRO E 6 8.57 -0.49 33.72
CA PRO E 6 7.55 -1.36 33.17
C PRO E 6 6.16 -0.95 33.62
N LYS E 7 5.25 -0.95 32.65
CA LYS E 7 3.82 -0.82 32.92
C LYS E 7 3.23 -2.21 32.99
N ILE E 8 2.60 -2.59 34.11
CA ILE E 8 2.25 -4.00 34.37
C ILE E 8 0.76 -4.12 34.37
N GLN E 9 0.24 -5.08 33.62
CA GLN E 9 -1.20 -5.35 33.54
C GLN E 9 -1.39 -6.84 33.75
N VAL E 10 -2.21 -7.24 34.73
CA VAL E 10 -2.61 -8.63 34.94
C VAL E 10 -4.11 -8.83 34.70
N TYR E 11 -4.45 -9.82 33.86
CA TYR E 11 -5.81 -9.91 33.37
C TYR E 11 -5.99 -11.27 32.77
N SER E 12 -7.21 -11.74 32.71
CA SER E 12 -7.54 -12.95 31.94
C SER E 12 -7.83 -12.72 30.44
N ARG E 13 -7.65 -13.75 29.62
CA ARG E 13 -7.86 -13.60 28.17
C ARG E 13 -9.35 -13.42 27.87
N HIS E 14 -10.19 -14.24 28.52
N HIS E 14 -10.20 -14.18 28.57
CA HIS E 14 -11.66 -14.17 28.47
CA HIS E 14 -11.65 -14.10 28.47
C HIS E 14 -12.21 -13.69 29.81
C HIS E 14 -12.25 -13.78 29.84
N PRO E 15 -13.48 -13.23 29.88
CA PRO E 15 -14.12 -12.92 31.17
C PRO E 15 -14.11 -14.14 32.12
N ALA E 16 -13.68 -13.92 33.35
CA ALA E 16 -13.40 -14.99 34.30
C ALA E 16 -14.71 -15.62 34.75
N GLU E 17 -14.76 -16.94 34.76
CA GLU E 17 -15.89 -17.71 35.28
C GLU E 17 -15.34 -18.86 36.06
N ASN E 18 -15.77 -18.97 37.32
CA ASN E 18 -15.25 -19.99 38.24
C ASN E 18 -15.50 -21.37 37.67
N GLY E 19 -14.44 -22.17 37.60
CA GLY E 19 -14.53 -23.54 37.09
C GLY E 19 -14.35 -23.67 35.59
N LYS E 20 -14.22 -22.55 34.87
CA LYS E 20 -14.04 -22.54 33.42
C LYS E 20 -12.61 -22.17 33.13
N SER E 21 -11.92 -23.06 32.43
CA SER E 21 -10.52 -22.86 32.08
C SER E 21 -10.34 -21.59 31.27
N ASN E 22 -9.22 -20.90 31.47
CA ASN E 22 -9.02 -19.56 30.92
C ASN E 22 -7.48 -19.41 30.78
N PHE E 23 -7.01 -18.19 30.44
CA PHE E 23 -5.59 -17.89 30.40
C PHE E 23 -5.35 -16.64 31.24
N LEU E 24 -4.36 -16.73 32.12
CA LEU E 24 -3.91 -15.63 32.92
C LEU E 24 -2.74 -15.01 32.22
N ASN E 25 -2.78 -13.68 32.06
CA ASN E 25 -1.74 -12.93 31.36
C ASN E 25 -1.13 -11.90 32.31
N CYS E 26 0.19 -11.75 32.23
CA CYS E 26 0.89 -10.57 32.76
C CYS E 26 1.58 -9.91 31.59
N TYR E 27 1.08 -8.76 31.19
CA TYR E 27 1.68 -8.03 30.11
C TYR E 27 2.51 -6.86 30.66
N VAL E 28 3.77 -6.79 30.29
CA VAL E 28 4.66 -5.73 30.74
C VAL E 28 5.20 -4.97 29.53
N SER E 29 4.98 -3.67 29.53
CA SER E 29 5.32 -2.90 28.33
C SER E 29 6.04 -1.61 28.75
N GLY E 30 6.68 -0.98 27.78
CA GLY E 30 7.22 0.38 27.96
C GLY E 30 8.50 0.44 28.78
N PHE E 31 9.22 -0.68 28.87
CA PHE E 31 10.42 -0.73 29.65
C PHE E 31 11.74 -0.64 28.87
N HIS E 32 12.78 -0.24 29.60
CA HIS E 32 14.13 -0.20 29.06
C HIS E 32 15.08 -0.08 30.24
N PRO E 33 16.18 -0.88 30.24
CA PRO E 33 16.61 -1.94 29.30
C PRO E 33 15.78 -3.19 29.43
N SER E 34 16.16 -4.26 28.72
CA SER E 34 15.24 -5.39 28.54
C SER E 34 15.30 -6.42 29.64
N ASP E 35 16.37 -6.38 30.43
CA ASP E 35 16.56 -7.27 31.59
C ASP E 35 15.35 -7.08 32.48
N ILE E 36 14.56 -8.13 32.66
CA ILE E 36 13.37 -8.04 33.50
C ILE E 36 13.02 -9.44 34.05
N GLU E 37 12.52 -9.49 35.29
CA GLU E 37 12.01 -10.70 35.89
C GLU E 37 10.51 -10.58 36.04
N VAL E 38 9.75 -11.56 35.53
CA VAL E 38 8.31 -11.60 35.69
C VAL E 38 7.87 -12.99 36.13
N ASP E 39 7.02 -13.05 37.15
CA ASP E 39 6.54 -14.29 37.70
C ASP E 39 5.06 -14.15 37.84
N LEU E 40 4.34 -15.22 37.53
CA LEU E 40 2.93 -15.31 37.83
C LEU E 40 2.88 -16.05 39.19
N LEU E 41 1.99 -15.58 40.07
CA LEU E 41 1.81 -16.13 41.40
C LEU E 41 0.39 -16.63 41.64
N LYS E 42 0.28 -17.75 42.32
CA LYS E 42 -1.00 -18.27 42.79
C LYS E 42 -0.90 -18.30 44.33
N ASN E 43 -1.75 -17.53 45.00
CA ASN E 43 -1.74 -17.42 46.45
C ASN E 43 -0.33 -17.24 46.99
N GLY E 44 0.41 -16.30 46.44
CA GLY E 44 1.78 -16.04 46.86
C GLY E 44 2.87 -16.87 46.19
N GLU E 45 2.57 -18.05 45.65
CA GLU E 45 3.62 -18.93 45.12
C GLU E 45 3.81 -18.84 43.58
N ARG E 46 5.06 -18.92 43.16
CA ARG E 46 5.40 -18.91 41.75
C ARG E 46 4.76 -20.09 41.01
N ILE E 47 4.09 -19.80 39.89
CA ILE E 47 3.52 -20.82 39.01
C ILE E 47 4.62 -21.25 38.05
N GLU E 48 4.83 -22.54 37.90
CA GLU E 48 6.02 -22.99 37.15
C GLU E 48 5.77 -23.15 35.65
N LYS E 49 4.62 -23.63 35.22
CA LYS E 49 4.35 -23.74 33.76
C LYS E 49 3.93 -22.39 33.13
N VAL E 50 4.86 -21.41 33.12
CA VAL E 50 4.54 -20.09 32.56
C VAL E 50 5.32 -19.87 31.26
N GLU E 51 4.62 -19.47 30.20
CA GLU E 51 5.24 -19.18 28.92
C GLU E 51 5.34 -17.68 28.70
N HIS E 52 6.26 -17.29 27.81
CA HIS E 52 6.35 -15.88 27.50
C HIS E 52 6.60 -15.66 26.03
N SER E 53 6.21 -14.47 25.58
CA SER E 53 6.41 -14.05 24.20
C SER E 53 7.87 -13.81 23.88
N ASP E 54 8.18 -13.70 22.59
CA ASP E 54 9.50 -13.31 22.16
C ASP E 54 9.63 -11.78 22.29
N LEU E 55 10.74 -11.33 22.88
CA LEU E 55 11.06 -9.88 23.06
C LEU E 55 10.94 -9.05 21.77
N SER E 56 10.08 -8.04 21.81
CA SER E 56 9.93 -7.11 20.73
C SER E 56 9.90 -5.71 21.36
N PHE E 57 9.65 -4.71 20.54
CA PHE E 57 9.64 -3.36 21.01
C PHE E 57 8.74 -2.48 20.15
N SER E 58 8.36 -1.33 20.71
CA SER E 58 7.41 -0.44 20.11
C SER E 58 8.16 0.68 19.38
N LYS E 59 7.41 1.50 18.64
CA LYS E 59 8.05 2.57 17.83
C LYS E 59 9.02 3.42 18.65
N ASP E 60 8.79 3.59 19.96
CA ASP E 60 9.71 4.37 20.82
C ASP E 60 10.92 3.61 21.43
N TRP E 61 11.09 2.35 21.03
CA TRP E 61 12.21 1.49 21.46
C TRP E 61 11.94 0.77 22.81
N SER E 62 10.83 1.03 23.46
CA SER E 62 10.61 0.37 24.70
C SER E 62 10.06 -1.04 24.42
N PHE E 63 10.42 -1.95 25.32
CA PHE E 63 10.18 -3.33 25.22
C PHE E 63 8.81 -3.71 25.77
N TYR E 64 8.30 -4.84 25.29
CA TYR E 64 7.08 -5.48 25.82
C TYR E 64 7.21 -6.98 25.70
N LEU E 65 6.59 -7.68 26.64
N LEU E 65 6.61 -7.68 26.65
CA LEU E 65 6.61 -9.13 26.78
CA LEU E 65 6.62 -9.13 26.79
C LEU E 65 5.26 -9.54 27.36
C LEU E 65 5.25 -9.52 27.35
N LEU E 66 4.69 -10.62 26.87
CA LEU E 66 3.53 -11.21 27.49
C LEU E 66 4.01 -12.49 28.17
N TYR E 67 3.60 -12.65 29.42
CA TYR E 67 3.72 -13.90 30.21
C TYR E 67 2.33 -14.45 30.50
N TYR E 68 2.17 -15.77 30.41
CA TYR E 68 0.84 -16.39 30.36
C TYR E 68 0.83 -17.82 30.73
N THR E 69 -0.32 -18.25 31.24
CA THR E 69 -0.45 -19.62 31.69
C THR E 69 -1.95 -19.94 31.65
N GLU E 70 -2.30 -21.16 31.26
CA GLU E 70 -3.69 -21.60 31.35
C GLU E 70 -4.04 -21.75 32.82
N PHE E 71 -5.27 -21.43 33.18
CA PHE E 71 -5.72 -21.51 34.57
C PHE E 71 -7.24 -21.62 34.64
N THR E 72 -7.72 -22.16 35.75
CA THR E 72 -9.15 -22.19 36.02
C THR E 72 -9.45 -21.42 37.28
N PRO E 73 -10.09 -20.24 37.15
CA PRO E 73 -10.50 -19.44 38.29
C PRO E 73 -11.40 -20.18 39.28
N THR E 74 -11.30 -19.77 40.54
CA THR E 74 -12.12 -20.26 41.61
C THR E 74 -12.47 -19.04 42.45
N GLU E 75 -13.23 -19.27 43.50
CA GLU E 75 -13.64 -18.20 44.41
C GLU E 75 -12.46 -17.76 45.30
N LYS E 76 -11.68 -18.73 45.77
CA LYS E 76 -10.72 -18.52 46.85
C LYS E 76 -9.28 -18.21 46.42
N ASP E 77 -8.88 -18.68 45.23
CA ASP E 77 -7.50 -18.55 44.74
C ASP E 77 -7.11 -17.13 44.32
N GLU E 78 -6.00 -16.64 44.86
CA GLU E 78 -5.54 -15.29 44.57
C GLU E 78 -4.39 -15.30 43.57
N TYR E 79 -4.52 -14.52 42.50
CA TYR E 79 -3.53 -14.44 41.48
C TYR E 79 -2.88 -13.08 41.35
N ALA E 80 -1.65 -13.08 40.85
CA ALA E 80 -0.89 -11.86 40.79
C ALA E 80 0.34 -12.02 39.89
N CYS E 81 0.99 -10.90 39.60
CA CYS E 81 2.21 -10.87 38.82
C CYS E 81 3.27 -10.08 39.59
N ARG E 82 4.49 -10.61 39.68
CA ARG E 82 5.60 -9.99 40.40
C ARG E 82 6.67 -9.66 39.39
N VAL E 83 7.06 -8.38 39.34
CA VAL E 83 8.02 -7.86 38.42
C VAL E 83 9.22 -7.14 39.15
N ASN E 84 10.44 -7.40 38.70
CA ASN E 84 11.59 -6.63 39.13
C ASN E 84 12.33 -6.16 37.87
N HIS E 85 12.93 -4.98 37.99
CA HIS E 85 13.51 -4.28 36.87
C HIS E 85 14.40 -3.19 37.50
N VAL E 86 15.41 -2.74 36.79
CA VAL E 86 16.29 -1.71 37.36
C VAL E 86 15.54 -0.53 37.89
N THR E 87 14.47 -0.14 37.23
CA THR E 87 13.70 1.09 37.63
C THR E 87 12.86 0.91 38.91
N LEU E 88 12.71 -0.32 39.37
CA LEU E 88 11.93 -0.59 40.58
C LEU E 88 12.86 -0.89 41.75
N SER E 89 12.79 -0.07 42.79
CA SER E 89 13.66 -0.26 43.95
C SER E 89 13.32 -1.55 44.73
N GLN E 90 12.15 -2.12 44.47
CA GLN E 90 11.75 -3.39 45.07
C GLN E 90 10.80 -4.08 44.10
N PRO E 91 10.72 -5.44 44.13
CA PRO E 91 9.72 -5.97 43.20
C PRO E 91 8.31 -5.40 43.42
N LYS E 92 7.60 -5.25 42.31
CA LYS E 92 6.25 -4.74 42.29
C LYS E 92 5.33 -5.96 42.12
N ILE E 93 4.28 -6.07 42.94
CA ILE E 93 3.27 -7.11 42.77
C ILE E 93 1.97 -6.41 42.41
N VAL E 94 1.39 -6.77 41.27
CA VAL E 94 0.06 -6.32 40.84
C VAL E 94 -0.90 -7.53 40.92
N LYS E 95 -2.00 -7.39 41.65
CA LYS E 95 -2.96 -8.45 41.85
C LYS E 95 -3.96 -8.46 40.72
N TRP E 96 -4.44 -9.67 40.40
CA TRP E 96 -5.52 -9.87 39.44
C TRP E 96 -6.84 -9.42 40.05
N ASP E 97 -7.49 -8.45 39.44
CA ASP E 97 -8.73 -7.94 39.97
C ASP E 97 -9.76 -8.20 38.92
N ARG E 98 -10.57 -9.23 39.15
CA ARG E 98 -11.50 -9.74 38.14
C ARG E 98 -12.68 -8.84 37.83
N ASP E 99 -12.96 -7.92 38.75
CA ASP E 99 -14.13 -7.05 38.67
C ASP E 99 -13.84 -5.69 37.99
N MET E 100 -12.77 -5.58 37.21
CA MET E 100 -12.52 -4.27 36.60
C MET E 100 -13.50 -3.96 35.44
N GLU F 1 10.55 -12.00 4.06
CA GLU F 1 11.94 -12.48 4.28
C GLU F 1 12.92 -11.34 4.68
N LEU F 2 14.03 -11.70 5.31
CA LEU F 2 15.04 -10.79 5.80
C LEU F 2 15.83 -10.17 4.68
N ALA F 3 16.37 -8.98 4.94
CA ALA F 3 17.26 -8.31 4.02
C ALA F 3 18.51 -9.13 3.87
N GLY F 4 18.98 -9.28 2.63
CA GLY F 4 20.26 -9.94 2.35
C GLY F 4 21.35 -8.95 2.00
N ILE F 5 21.00 -7.68 1.89
CA ILE F 5 21.91 -6.62 1.52
C ILE F 5 21.51 -5.43 2.32
N GLY F 6 22.47 -4.54 2.57
CA GLY F 6 22.15 -3.26 3.24
C GLY F 6 22.25 -3.26 4.76
N ILE F 7 22.56 -4.41 5.34
CA ILE F 7 22.59 -4.53 6.82
C ILE F 7 24.04 -4.51 7.26
N ALA F 8 24.53 -3.29 7.47
CA ALA F 8 25.94 -3.01 7.62
C ALA F 8 26.30 -2.67 9.05
N THR F 9 27.54 -2.94 9.41
CA THR F 9 28.05 -2.58 10.71
C THR F 9 28.08 -1.05 10.86
N VAL F 10 27.75 -0.58 12.05
CA VAL F 10 27.82 0.88 12.35
C VAL F 10 29.26 1.41 12.41
C1 GOL G . -2.20 -3.06 -31.92
O1 GOL G . -2.86 -3.25 -33.15
C2 GOL G . -3.15 -2.33 -30.99
O2 GOL G . -4.42 -2.92 -31.03
C3 GOL G . -2.61 -2.33 -29.56
O3 GOL G . -3.19 -1.29 -28.78
C1 GOL H . -13.99 -9.99 -37.23
O1 GOL H . -15.13 -9.33 -36.69
C2 GOL H . -13.26 -10.69 -36.07
O2 GOL H . -11.95 -11.10 -36.43
C3 GOL H . -14.08 -11.87 -35.58
O3 GOL H . -14.02 -11.92 -34.16
C1 GOL I . -22.21 12.41 0.05
O1 GOL I . -21.81 11.55 1.11
C2 GOL I . -23.66 12.26 -0.47
O2 GOL I . -23.77 13.00 -1.68
C3 GOL I . -24.76 12.83 0.43
O3 GOL I . -25.76 13.49 -0.36
C1 GOL J . 2.36 12.23 -15.79
O1 GOL J . 2.05 13.54 -15.33
C2 GOL J . 2.13 11.11 -14.76
O2 GOL J . 3.37 10.89 -14.13
C3 GOL J . 1.47 9.79 -15.25
O3 GOL J . 1.72 9.37 -16.61
C1 GOL K . 7.87 -13.03 -5.32
O1 GOL K . 6.48 -13.01 -5.63
C2 GOL K . 8.18 -13.90 -4.11
O2 GOL K . 9.54 -14.25 -4.09
C3 GOL K . 7.30 -15.13 -4.20
O3 GOL K . 6.12 -14.92 -3.45
C1 GOL L . 5.02 -7.10 -15.26
O1 GOL L . 5.90 -6.81 -14.21
C2 GOL L . 5.44 -6.43 -16.56
O2 GOL L . 4.33 -6.11 -17.33
C3 GOL L . 6.35 -7.27 -17.45
O3 GOL L . 7.57 -6.57 -17.52
C1 GOL M . -14.62 -21.77 -37.78
O1 GOL M . -13.30 -22.14 -38.13
C2 GOL M . -15.48 -22.99 -37.44
O2 GOL M . -14.80 -23.82 -36.52
C3 GOL M . -16.84 -22.62 -36.82
O3 GOL M . -17.77 -23.69 -36.98
O1 MES N . -33.13 14.38 -7.51
C2 MES N . -32.29 14.83 -6.45
C3 MES N . -31.94 13.68 -5.51
N4 MES N . -31.15 12.79 -6.32
C5 MES N . -31.53 12.56 -7.70
C6 MES N . -32.18 13.77 -8.38
C7 MES N . -30.03 12.01 -5.76
C8 MES N . -28.71 12.52 -6.33
S MES N . -27.44 11.85 -5.45
O1S MES N . -26.22 11.76 -6.26
O2S MES N . -27.14 12.67 -4.22
O3S MES N . -27.86 10.52 -5.00
C1 GOL O . 11.91 13.25 -29.86
O1 GOL O . 11.67 13.23 -31.25
C2 GOL O . 12.13 11.85 -29.30
O2 GOL O . 13.46 11.46 -29.58
C3 GOL O . 11.12 10.81 -29.80
O3 GOL O . 9.77 11.18 -29.51
C1 GOL P . 13.20 6.36 -29.59
O1 GOL P . 11.88 6.71 -29.41
C2 GOL P . 13.60 5.12 -28.82
O2 GOL P . 14.95 5.32 -28.43
C3 GOL P . 13.34 3.83 -29.63
O3 GOL P . 13.20 3.99 -31.04
C1 GOL Q . 4.84 16.37 -27.14
O1 GOL Q . 6.22 16.18 -27.02
C2 GOL Q . 4.28 17.80 -27.23
O2 GOL Q . 3.89 18.01 -28.55
C3 GOL Q . 2.94 17.93 -26.49
O3 GOL Q . 2.63 19.19 -25.94
C1 GOL R . -2.46 27.61 -29.85
O1 GOL R . -1.24 26.90 -30.08
C2 GOL R . -3.52 27.20 -30.88
O2 GOL R . -3.18 27.67 -32.18
C3 GOL R . -4.93 27.72 -30.53
O3 GOL R . -5.08 27.94 -29.15
C1 GOL S . 3.82 -3.56 15.29
O1 GOL S . 4.63 -3.82 14.16
C2 GOL S . 4.07 -4.69 16.28
O2 GOL S . 4.83 -4.23 17.41
C3 GOL S . 2.73 -5.35 16.65
O3 GOL S . 2.07 -4.80 17.77
C1 GOL T . 33.43 7.88 0.61
O1 GOL T . 34.72 8.33 0.94
C2 GOL T . 32.75 8.72 -0.46
O2 GOL T . 32.95 8.05 -1.66
C3 GOL T . 31.26 8.90 -0.28
O3 GOL T . 30.89 9.42 0.98
C1 GOL U . -12.04 -13.68 21.42
O1 GOL U . -11.34 -12.71 20.70
C2 GOL U . -12.24 -14.93 20.54
O2 GOL U . -11.36 -14.90 19.42
C3 GOL U . -13.71 -15.01 20.06
O3 GOL U . -14.61 -14.95 21.16
C1 GOL V . -8.54 5.56 37.95
O1 GOL V . -9.00 6.38 36.88
C2 GOL V . -9.40 4.30 38.14
O2 GOL V . -10.15 4.40 39.33
C3 GOL V . -8.47 3.07 38.21
O3 GOL V . -8.21 2.51 36.93
C1 GOL W . 6.16 -22.92 16.39
O1 GOL W . 7.51 -23.15 16.78
C2 GOL W . 5.23 -24.03 16.85
O2 GOL W . 5.37 -25.20 16.03
C3 GOL W . 3.77 -23.56 16.90
O3 GOL W . 3.40 -23.23 18.24
O1 MES X . 32.95 10.69 23.55
C2 MES X . 31.58 10.27 23.75
C3 MES X . 30.68 10.37 22.49
N4 MES X . 31.15 11.41 21.59
C5 MES X . 32.57 11.64 21.50
C6 MES X . 32.89 11.95 22.92
C7 MES X . 30.28 12.30 20.84
C8 MES X . 29.23 11.50 20.14
S MES X . 27.71 11.95 20.66
O1S MES X . 27.25 13.35 20.36
O2S MES X . 26.92 10.98 19.93
O3S MES X . 27.53 11.74 22.13
C1 GOL Y . -13.01 -8.75 31.83
O1 GOL Y . -14.18 -8.78 31.01
C2 GOL Y . -11.84 -9.55 31.23
O2 GOL Y . -12.06 -9.77 29.85
C3 GOL Y . -10.50 -8.81 31.43
O3 GOL Y . -9.37 -9.46 30.84
C1 GOL Z . 4.36 -0.35 45.29
O1 GOL Z . 4.47 0.00 43.92
C2 GOL Z . 4.70 -1.83 45.60
O2 GOL Z . 5.92 -2.17 44.97
C3 GOL Z . 3.57 -2.83 45.22
O3 GOL Z . 4.05 -4.18 45.23
C1 GOL AA . 6.85 -23.28 50.93
O1 GOL AA . 5.56 -22.90 50.50
C2 GOL AA . 7.88 -23.21 49.81
O2 GOL AA . 8.92 -22.34 50.20
C3 GOL AA . 7.34 -22.76 48.46
O3 GOL AA . 6.26 -23.61 48.13
#